data_2Z5U
#
_entry.id   2Z5U
#
_cell.length_a   185.759
_cell.length_b   185.759
_cell.length_c   108.742
_cell.angle_alpha   90.00
_cell.angle_beta   90.00
_cell.angle_gamma   120.00
#
_symmetry.space_group_name_H-M   'P 61 2 2'
#
loop_
_entity.id
_entity.type
_entity.pdbx_description
1 polymer 'Lysine-specific histone demethylase 1'
2 non-polymer 'FAD-trans-2-Phenylcyclopropylamine Adduct'
3 water water
#
_entity_poly.entity_id   1
_entity_poly.type   'polypeptide(L)'
_entity_poly.pdbx_seq_one_letter_code
;SGVEGAAFQSRLPHDRMTSQEAACFPDIISGPQQTQKVFLFIRNRTLQLWLDNPKIQLTFEATLQQLEAPYNSDTVLVHR
VHSYLERHGLINFGIYKRIKPLPTKKTGKVIIIGSGVSGLAAARQLQSFGMDVTLLEARDRVGGRVATFRKGNYVADLGA
MVVTGLGGNPMAVVSKQVNMELAKIKQKCPLYEANGQAVPKEKDEMVEQEFNRLLEATSYLSHQLDFNVLNNKPVSLGQA
LEVVIQLQEKHVKDEQIEHWKKIVKTQEELKELLNKMVNLKEKIKELHQQYKEASEVKPPRDITAEFLVKSKHRDLTALC
KEYDELAETQGKLEEKLQELEANPPSDVYLSSRDRQILDWHFANLEFANATPLSTLSLKHWDQDDDFEFTGSHLTVRNGY
SCVPVALAEGLDIKLNTAVRQVRYTASGCEVIAVNTRSTSQTFIYKCDAVLCTLPLGVLKQQPPAVQFVPPLPEWKTSAV
QRMGFGNLNKVVLCFDRVFWDPSVNLFGHVGSTTASRGELFLFWNLYKAPILLALVAGEAAGIMENISDDVIVGRCLAIL
KGIFGSSAVPQPKETVVSRWRADPWARGSYSYVAAGSSGNDYDLMAQPITPGPSIPGAPQPIPRLFFAGEHTIRNYPATV
HGALLSGLREAGRIADQFLGAM
;
_entity_poly.pdbx_strand_id   A
#
# COMPACT_ATOMS: atom_id res chain seq x y z
N SER A 1 11.98 -29.01 -4.37
CA SER A 1 11.38 -28.28 -5.53
C SER A 1 12.26 -27.09 -5.95
N GLY A 2 13.43 -27.41 -6.51
CA GLY A 2 14.36 -26.37 -6.96
C GLY A 2 13.84 -25.63 -8.18
N VAL A 3 13.53 -26.37 -9.25
CA VAL A 3 13.02 -25.77 -10.47
C VAL A 3 11.65 -25.18 -10.22
N GLU A 4 10.91 -25.80 -9.30
CA GLU A 4 9.59 -25.33 -8.96
C GLU A 4 9.72 -23.97 -8.27
N GLY A 5 10.71 -23.85 -7.39
CA GLY A 5 10.94 -22.61 -6.68
C GLY A 5 11.41 -21.49 -7.61
N ALA A 6 12.16 -21.88 -8.64
CA ALA A 6 12.68 -20.94 -9.62
C ALA A 6 11.52 -20.26 -10.37
N ALA A 7 10.50 -21.05 -10.70
CA ALA A 7 9.36 -20.48 -11.40
C ALA A 7 8.63 -19.52 -10.48
N PHE A 8 8.47 -19.93 -9.22
CA PHE A 8 7.79 -19.11 -8.22
C PHE A 8 8.54 -17.80 -8.06
N GLN A 9 9.84 -17.90 -7.88
CA GLN A 9 10.65 -16.71 -7.71
C GLN A 9 10.54 -15.79 -8.94
N SER A 10 10.14 -16.38 -10.09
CA SER A 10 9.99 -15.62 -11.33
C SER A 10 8.54 -15.21 -11.61
N ARG A 11 7.65 -15.48 -10.66
CA ARG A 11 6.24 -15.11 -10.79
C ARG A 11 5.54 -15.88 -11.91
N LEU A 12 5.91 -17.15 -12.05
CA LEU A 12 5.35 -18.02 -13.09
C LEU A 12 4.88 -19.34 -12.49
N PRO A 13 3.77 -19.88 -13.01
CA PRO A 13 3.28 -21.16 -12.49
C PRO A 13 4.24 -22.23 -13.01
N HIS A 14 4.77 -23.05 -12.12
CA HIS A 14 5.74 -24.08 -12.49
C HIS A 14 5.21 -25.23 -13.33
N ASP A 15 3.90 -25.47 -13.30
CA ASP A 15 3.34 -26.59 -14.02
C ASP A 15 2.44 -26.30 -15.20
N ARG A 16 2.43 -25.06 -15.67
CA ARG A 16 1.60 -24.73 -16.81
C ARG A 16 2.15 -23.52 -17.55
N MET A 17 1.96 -23.50 -18.86
CA MET A 17 2.44 -22.40 -19.67
C MET A 17 1.54 -21.19 -19.53
N THR A 18 2.15 -20.00 -19.53
CA THR A 18 1.40 -18.76 -19.42
C THR A 18 0.87 -18.38 -20.79
N SER A 19 0.02 -17.36 -20.85
CA SER A 19 -0.53 -16.94 -22.12
C SER A 19 0.58 -16.39 -23.00
N GLN A 20 1.57 -15.76 -22.38
CA GLN A 20 2.71 -15.21 -23.10
C GLN A 20 3.48 -16.32 -23.81
N GLU A 21 3.82 -17.36 -23.05
CA GLU A 21 4.56 -18.49 -23.60
C GLU A 21 3.73 -19.20 -24.67
N ALA A 22 2.41 -19.19 -24.51
CA ALA A 22 1.53 -19.85 -25.47
C ALA A 22 1.62 -19.14 -26.81
N ALA A 23 1.68 -17.82 -26.77
CA ALA A 23 1.77 -16.98 -27.96
C ALA A 23 3.11 -17.12 -28.68
N CYS A 24 4.18 -17.28 -27.91
CA CYS A 24 5.52 -17.39 -28.49
C CYS A 24 5.90 -18.81 -28.85
N PHE A 25 5.21 -19.77 -28.26
CA PHE A 25 5.47 -21.17 -28.55
C PHE A 25 4.15 -21.88 -28.87
N PRO A 26 3.41 -21.38 -29.88
CA PRO A 26 2.14 -22.00 -30.27
C PRO A 26 2.25 -23.44 -30.73
N ASP A 27 3.45 -23.85 -31.11
CA ASP A 27 3.67 -25.22 -31.56
C ASP A 27 3.75 -26.18 -30.37
N ILE A 28 4.07 -25.63 -29.21
CA ILE A 28 4.21 -26.42 -28.00
C ILE A 28 2.88 -26.54 -27.29
N ILE A 29 2.18 -25.41 -27.17
CA ILE A 29 0.90 -25.37 -26.50
C ILE A 29 -0.12 -26.23 -27.27
N SER A 30 -0.16 -26.08 -28.60
CA SER A 30 -1.07 -26.86 -29.41
C SER A 30 -0.27 -28.00 -30.03
N GLY A 31 0.14 -28.94 -29.18
CA GLY A 31 0.91 -30.08 -29.63
C GLY A 31 1.03 -31.04 -28.47
N PRO A 32 1.81 -32.13 -28.63
CA PRO A 32 1.98 -33.12 -27.57
C PRO A 32 2.21 -32.47 -26.19
N GLN A 33 1.36 -32.82 -25.23
CA GLN A 33 1.48 -32.27 -23.89
C GLN A 33 2.77 -32.74 -23.23
N GLN A 34 3.35 -33.80 -23.77
CA GLN A 34 4.59 -34.33 -23.24
C GLN A 34 5.70 -33.33 -23.54
N THR A 35 5.60 -32.66 -24.69
CA THR A 35 6.58 -31.68 -25.08
C THR A 35 6.45 -30.43 -24.20
N GLN A 36 5.23 -30.18 -23.74
CA GLN A 36 4.98 -29.04 -22.87
C GLN A 36 5.68 -29.28 -21.55
N LYS A 37 5.60 -30.52 -21.05
CA LYS A 37 6.26 -30.89 -19.81
C LYS A 37 7.75 -30.59 -19.96
N VAL A 38 8.31 -30.94 -21.11
CA VAL A 38 9.72 -30.71 -21.40
C VAL A 38 10.04 -29.21 -21.49
N PHE A 39 9.12 -28.46 -22.07
CA PHE A 39 9.25 -27.02 -22.22
C PHE A 39 9.33 -26.39 -20.82
N LEU A 40 8.36 -26.73 -19.97
CA LEU A 40 8.33 -26.19 -18.61
C LEU A 40 9.59 -26.52 -17.84
N PHE A 41 10.10 -27.74 -17.99
CA PHE A 41 11.31 -28.10 -17.28
C PHE A 41 12.49 -27.28 -17.74
N ILE A 42 12.62 -27.09 -19.05
CA ILE A 42 13.75 -26.32 -19.59
C ILE A 42 13.63 -24.90 -19.06
N ARG A 43 12.43 -24.35 -19.13
CA ARG A 43 12.18 -23.01 -18.64
C ARG A 43 12.46 -22.89 -17.15
N ASN A 44 11.89 -23.77 -16.33
CA ASN A 44 12.12 -23.72 -14.89
C ASN A 44 13.60 -23.92 -14.55
N ARG A 45 14.28 -24.80 -15.28
CA ARG A 45 15.69 -25.08 -15.02
C ARG A 45 16.59 -23.91 -15.41
N THR A 46 16.27 -23.25 -16.52
CA THR A 46 17.07 -22.11 -16.96
C THR A 46 16.96 -20.97 -15.94
N LEU A 47 15.75 -20.78 -15.41
CA LEU A 47 15.51 -19.74 -14.41
C LEU A 47 16.30 -20.04 -13.14
N GLN A 48 16.34 -21.31 -12.77
CA GLN A 48 17.08 -21.75 -11.58
C GLN A 48 18.56 -21.46 -11.75
N LEU A 49 19.10 -21.77 -12.92
CA LEU A 49 20.52 -21.54 -13.18
C LEU A 49 20.87 -20.06 -13.05
N TRP A 50 19.98 -19.21 -13.54
CA TRP A 50 20.20 -17.78 -13.46
C TRP A 50 20.00 -17.28 -12.03
N LEU A 51 18.92 -17.71 -11.39
CA LEU A 51 18.64 -17.28 -10.03
C LEU A 51 19.65 -17.76 -9.00
N ASP A 52 20.29 -18.89 -9.25
CA ASP A 52 21.29 -19.42 -8.32
C ASP A 52 22.60 -18.63 -8.38
N ASN A 53 22.78 -17.88 -9.46
CA ASN A 53 23.99 -17.06 -9.60
C ASN A 53 23.68 -15.87 -10.49
N PRO A 54 22.94 -14.89 -9.95
CA PRO A 54 22.54 -13.69 -10.70
C PRO A 54 23.63 -12.66 -10.98
N LYS A 55 24.85 -12.89 -10.53
CA LYS A 55 25.95 -11.94 -10.74
C LYS A 55 26.70 -12.20 -12.06
N ILE A 56 26.40 -13.32 -12.70
CA ILE A 56 27.07 -13.65 -13.94
C ILE A 56 26.05 -13.91 -15.07
N GLN A 57 26.37 -13.46 -16.28
CA GLN A 57 25.49 -13.66 -17.43
C GLN A 57 25.28 -15.16 -17.70
N LEU A 58 24.04 -15.56 -17.95
CA LEU A 58 23.77 -16.96 -18.26
C LEU A 58 23.65 -17.06 -19.76
N THR A 59 24.65 -17.65 -20.42
CA THR A 59 24.62 -17.78 -21.86
C THR A 59 23.82 -19.00 -22.29
N PHE A 60 23.50 -19.04 -23.57
CA PHE A 60 22.77 -20.16 -24.13
C PHE A 60 23.66 -21.40 -23.99
N GLU A 61 24.93 -21.22 -24.29
CA GLU A 61 25.91 -22.28 -24.23
C GLU A 61 26.05 -22.89 -22.83
N ALA A 62 26.15 -22.04 -21.80
CA ALA A 62 26.28 -22.52 -20.44
C ALA A 62 24.98 -23.21 -19.99
N THR A 63 23.84 -22.78 -20.50
CA THR A 63 22.58 -23.41 -20.14
C THR A 63 22.56 -24.83 -20.67
N LEU A 64 23.01 -25.00 -21.91
CA LEU A 64 23.05 -26.29 -22.57
C LEU A 64 23.97 -27.29 -21.87
N GLN A 65 25.10 -26.80 -21.39
CA GLN A 65 26.07 -27.67 -20.71
C GLN A 65 25.71 -28.01 -19.29
N GLN A 66 24.69 -27.37 -18.75
CA GLN A 66 24.28 -27.64 -17.38
C GLN A 66 22.97 -28.40 -17.29
N LEU A 67 22.29 -28.56 -18.41
CA LEU A 67 21.05 -29.31 -18.45
C LEU A 67 21.41 -30.80 -18.51
N GLU A 68 20.67 -31.61 -17.76
CA GLU A 68 20.91 -33.05 -17.75
C GLU A 68 20.23 -33.70 -18.96
N ALA A 69 20.67 -34.89 -19.33
CA ALA A 69 20.05 -35.59 -20.45
C ALA A 69 18.63 -35.92 -20.01
N PRO A 70 17.69 -36.04 -20.97
CA PRO A 70 17.86 -35.90 -22.42
C PRO A 70 17.71 -34.45 -22.91
N TYR A 71 17.45 -33.54 -21.97
CA TYR A 71 17.27 -32.12 -22.26
C TYR A 71 18.43 -31.44 -22.98
N ASN A 72 19.66 -31.81 -22.62
CA ASN A 72 20.83 -31.19 -23.26
C ASN A 72 21.00 -31.61 -24.71
N SER A 73 20.14 -32.50 -25.19
CA SER A 73 20.21 -32.95 -26.58
C SER A 73 19.28 -32.16 -27.49
N ASP A 74 18.24 -31.57 -26.91
CA ASP A 74 17.29 -30.78 -27.70
C ASP A 74 17.76 -29.33 -27.82
N THR A 75 18.92 -29.18 -28.44
CA THR A 75 19.56 -27.89 -28.66
C THR A 75 18.67 -26.74 -29.14
N VAL A 76 17.83 -26.98 -30.13
CA VAL A 76 16.97 -25.94 -30.66
C VAL A 76 15.90 -25.44 -29.68
N LEU A 77 15.29 -26.34 -28.92
CA LEU A 77 14.27 -25.96 -27.96
C LEU A 77 14.88 -25.10 -26.86
N VAL A 78 16.03 -25.56 -26.35
CA VAL A 78 16.73 -24.87 -25.30
C VAL A 78 17.05 -23.44 -25.72
N HIS A 79 17.51 -23.30 -26.96
CA HIS A 79 17.83 -21.97 -27.45
C HIS A 79 16.59 -21.09 -27.53
N ARG A 80 15.49 -21.66 -27.98
CA ARG A 80 14.24 -20.92 -28.08
C ARG A 80 13.76 -20.45 -26.71
N VAL A 81 13.94 -21.29 -25.69
CA VAL A 81 13.51 -20.94 -24.35
C VAL A 81 14.45 -19.92 -23.73
N HIS A 82 15.75 -20.13 -23.91
CA HIS A 82 16.73 -19.21 -23.37
C HIS A 82 16.58 -17.81 -23.99
N SER A 83 16.30 -17.76 -25.28
CA SER A 83 16.14 -16.50 -26.00
C SER A 83 14.91 -15.76 -25.51
N TYR A 84 13.84 -16.49 -25.28
CA TYR A 84 12.60 -15.93 -24.80
C TYR A 84 12.79 -15.33 -23.41
N LEU A 85 13.33 -16.13 -22.48
CA LEU A 85 13.56 -15.69 -21.11
C LEU A 85 14.43 -14.43 -21.07
N GLU A 86 15.52 -14.45 -21.83
CA GLU A 86 16.45 -13.34 -21.88
C GLU A 86 15.80 -12.08 -22.48
N ARG A 87 15.06 -12.26 -23.57
CA ARG A 87 14.40 -11.13 -24.23
C ARG A 87 13.39 -10.44 -23.31
N HIS A 88 12.68 -11.22 -22.50
CA HIS A 88 11.66 -10.68 -21.62
C HIS A 88 12.15 -10.34 -20.21
N GLY A 89 13.46 -10.33 -20.03
CA GLY A 89 14.03 -9.97 -18.74
C GLY A 89 13.84 -10.89 -17.56
N LEU A 90 13.59 -12.18 -17.80
CA LEU A 90 13.44 -13.13 -16.71
C LEU A 90 14.81 -13.66 -16.30
N ILE A 91 15.79 -13.55 -17.20
CA ILE A 91 17.15 -13.94 -16.89
C ILE A 91 18.05 -12.85 -17.47
N ASN A 92 19.26 -12.74 -16.95
CA ASN A 92 20.20 -11.73 -17.40
C ASN A 92 19.59 -10.32 -17.34
N PHE A 93 19.15 -9.93 -16.15
CA PHE A 93 18.64 -8.58 -15.97
C PHE A 93 19.37 -8.00 -14.76
N GLY A 94 19.24 -6.70 -14.56
CA GLY A 94 19.92 -6.07 -13.44
C GLY A 94 21.37 -5.83 -13.77
N ILE A 95 22.24 -6.11 -12.80
CA ILE A 95 23.67 -5.90 -12.95
C ILE A 95 24.44 -7.21 -12.80
N TYR A 96 25.16 -7.62 -13.83
CA TYR A 96 25.92 -8.86 -13.77
C TYR A 96 27.13 -8.79 -14.69
N LYS A 97 28.09 -9.68 -14.47
CA LYS A 97 29.30 -9.75 -15.29
C LYS A 97 29.00 -10.41 -16.62
N ARG A 98 29.40 -9.75 -17.71
CA ARG A 98 29.20 -10.31 -19.03
C ARG A 98 30.35 -11.23 -19.39
N ILE A 99 30.06 -12.44 -19.82
CA ILE A 99 31.13 -13.33 -20.22
C ILE A 99 31.25 -13.16 -21.74
N LYS A 100 30.15 -12.72 -22.34
CA LYS A 100 30.08 -12.47 -23.79
C LYS A 100 30.04 -10.95 -24.04
N PRO A 101 31.21 -10.28 -24.00
CA PRO A 101 31.30 -8.83 -24.23
C PRO A 101 30.42 -8.28 -25.36
N LEU A 102 29.81 -7.13 -25.12
CA LEU A 102 28.91 -6.49 -26.09
C LEU A 102 29.55 -6.19 -27.45
N PRO A 103 28.78 -6.40 -28.54
CA PRO A 103 29.24 -6.16 -29.91
C PRO A 103 29.33 -4.67 -30.22
N THR A 104 30.46 -4.28 -30.82
CA THR A 104 30.71 -2.88 -31.18
C THR A 104 29.65 -2.24 -32.08
N LYS A 105 29.04 -3.04 -32.94
CA LYS A 105 28.01 -2.56 -33.85
C LYS A 105 26.67 -2.48 -33.13
N LYS A 106 26.19 -1.27 -32.91
CA LYS A 106 24.91 -1.07 -32.22
C LYS A 106 23.76 -0.81 -33.20
N THR A 107 22.74 -1.65 -33.10
CA THR A 107 21.57 -1.59 -33.97
C THR A 107 20.40 -0.81 -33.37
N GLY A 108 19.88 0.16 -34.13
CA GLY A 108 18.77 0.95 -33.66
C GLY A 108 19.10 1.90 -32.54
N LYS A 109 18.46 3.06 -32.56
CA LYS A 109 18.69 4.08 -31.53
C LYS A 109 17.40 4.40 -30.78
N VAL A 110 17.46 4.34 -29.45
CA VAL A 110 16.29 4.63 -28.65
C VAL A 110 16.63 5.64 -27.57
N ILE A 111 15.75 6.60 -27.39
CA ILE A 111 15.96 7.59 -26.34
C ILE A 111 15.04 7.26 -25.21
N ILE A 112 15.61 7.19 -24.02
CA ILE A 112 14.83 6.92 -22.83
C ILE A 112 14.65 8.21 -22.08
N ILE A 113 13.39 8.55 -21.80
CA ILE A 113 13.05 9.74 -21.06
C ILE A 113 12.96 9.40 -19.58
N GLY A 114 13.96 9.82 -18.82
CA GLY A 114 13.92 9.56 -17.39
C GLY A 114 14.92 8.53 -16.89
N SER A 115 15.69 8.90 -15.89
CA SER A 115 16.68 8.00 -15.34
C SER A 115 16.30 7.32 -14.02
N GLY A 116 15.01 7.02 -13.86
CA GLY A 116 14.57 6.34 -12.66
C GLY A 116 14.80 4.85 -12.83
N VAL A 117 14.28 4.05 -11.91
CA VAL A 117 14.47 2.61 -12.01
C VAL A 117 13.88 2.00 -13.27
N SER A 118 12.68 2.42 -13.68
CA SER A 118 12.10 1.86 -14.89
C SER A 118 12.98 2.16 -16.13
N GLY A 119 13.40 3.42 -16.26
CA GLY A 119 14.25 3.81 -17.38
C GLY A 119 15.62 3.15 -17.33
N LEU A 120 16.19 3.04 -16.14
CA LEU A 120 17.49 2.41 -15.98
C LEU A 120 17.42 0.92 -16.33
N ALA A 121 16.37 0.25 -15.85
CA ALA A 121 16.19 -1.17 -16.10
C ALA A 121 16.04 -1.43 -17.60
N ALA A 122 15.21 -0.62 -18.24
CA ALA A 122 14.99 -0.74 -19.67
C ALA A 122 16.29 -0.45 -20.43
N ALA A 123 17.01 0.60 -20.01
CA ALA A 123 18.26 0.96 -20.64
C ALA A 123 19.27 -0.19 -20.64
N ARG A 124 19.53 -0.77 -19.47
CA ARG A 124 20.49 -1.88 -19.37
C ARG A 124 20.12 -3.05 -20.27
N GLN A 125 18.82 -3.33 -20.39
CA GLN A 125 18.35 -4.42 -21.24
C GLN A 125 18.62 -4.13 -22.71
N LEU A 126 18.11 -2.99 -23.16
CA LEU A 126 18.26 -2.54 -24.53
C LEU A 126 19.73 -2.51 -24.95
N GLN A 127 20.60 -2.12 -24.03
CA GLN A 127 22.03 -2.06 -24.32
C GLN A 127 22.60 -3.46 -24.50
N SER A 128 22.25 -4.38 -23.60
CA SER A 128 22.75 -5.74 -23.67
C SER A 128 22.21 -6.41 -24.94
N PHE A 129 21.12 -5.88 -25.47
CA PHE A 129 20.53 -6.41 -26.69
C PHE A 129 21.26 -5.86 -27.92
N GLY A 130 22.22 -4.96 -27.68
CA GLY A 130 22.98 -4.39 -28.78
C GLY A 130 22.42 -3.13 -29.39
N MET A 131 21.48 -2.48 -28.72
CA MET A 131 20.92 -1.25 -29.25
C MET A 131 21.65 -0.02 -28.72
N ASP A 132 21.49 1.09 -29.45
CA ASP A 132 22.12 2.33 -29.05
C ASP A 132 21.11 3.10 -28.20
N VAL A 133 21.40 3.23 -26.92
CA VAL A 133 20.49 3.91 -26.01
C VAL A 133 21.14 5.04 -25.21
N THR A 134 20.38 6.11 -25.05
CA THR A 134 20.82 7.28 -24.28
C THR A 134 19.67 7.71 -23.38
N LEU A 135 19.96 7.94 -22.11
CA LEU A 135 18.93 8.38 -21.18
C LEU A 135 19.01 9.89 -20.96
N LEU A 136 17.87 10.57 -20.97
CA LEU A 136 17.83 12.00 -20.74
C LEU A 136 17.17 12.24 -19.38
N GLU A 137 17.97 12.67 -18.42
CA GLU A 137 17.48 12.93 -17.05
C GLU A 137 17.47 14.39 -16.67
N ALA A 138 16.30 14.90 -16.29
CA ALA A 138 16.16 16.30 -15.92
C ALA A 138 16.91 16.68 -14.65
N ARG A 139 17.02 15.76 -13.70
CA ARG A 139 17.71 16.01 -12.44
C ARG A 139 19.22 15.95 -12.60
N ASP A 140 19.96 16.22 -11.53
CA ASP A 140 21.42 16.17 -11.54
C ASP A 140 21.86 14.87 -10.87
N ARG A 141 20.99 13.88 -10.88
CA ARG A 141 21.27 12.58 -10.28
C ARG A 141 20.35 11.57 -10.95
N VAL A 142 20.63 10.29 -10.74
CA VAL A 142 19.80 9.23 -11.30
C VAL A 142 18.91 8.74 -10.15
N GLY A 143 17.99 7.83 -10.46
CA GLY A 143 17.12 7.27 -9.42
C GLY A 143 15.69 7.78 -9.32
N GLY A 144 15.45 9.02 -9.70
CA GLY A 144 14.10 9.57 -9.64
C GLY A 144 13.46 9.50 -8.26
N ARG A 145 12.41 8.71 -8.13
CA ARG A 145 11.72 8.62 -6.85
C ARG A 145 12.40 7.73 -5.81
N VAL A 146 13.56 7.20 -6.18
CA VAL A 146 14.40 6.44 -5.27
C VAL A 146 15.47 7.51 -5.01
N ALA A 147 15.43 8.14 -3.85
CA ALA A 147 16.36 9.21 -3.55
C ALA A 147 16.92 9.15 -2.13
N THR A 148 18.23 8.95 -2.01
CA THR A 148 18.87 8.85 -0.71
C THR A 148 19.72 10.04 -0.27
N PHE A 149 19.58 10.43 0.99
CA PHE A 149 20.36 11.50 1.56
C PHE A 149 21.62 10.82 2.12
N ARG A 150 22.79 11.36 1.80
CA ARG A 150 24.05 10.80 2.28
C ARG A 150 25.01 11.92 2.70
N LYS A 151 25.43 11.90 3.96
CA LYS A 151 26.35 12.91 4.47
C LYS A 151 27.06 12.32 5.69
N GLY A 152 28.38 12.16 5.58
CA GLY A 152 29.14 11.58 6.67
C GLY A 152 28.66 10.16 6.83
N ASN A 153 28.26 9.77 8.04
CA ASN A 153 27.75 8.42 8.27
C ASN A 153 26.22 8.41 8.20
N TYR A 154 25.62 9.56 7.91
CA TYR A 154 24.18 9.66 7.84
C TYR A 154 23.63 9.18 6.50
N VAL A 155 22.67 8.26 6.58
CA VAL A 155 21.99 7.71 5.40
C VAL A 155 20.48 7.75 5.64
N ALA A 156 19.72 8.25 4.67
CA ALA A 156 18.27 8.32 4.82
C ALA A 156 17.57 8.45 3.49
N ASP A 157 16.53 7.65 3.27
CA ASP A 157 15.78 7.69 2.02
C ASP A 157 14.62 8.68 2.05
N LEU A 158 14.53 9.55 1.04
CA LEU A 158 13.46 10.54 0.95
C LEU A 158 12.37 10.03 0.02
N GLY A 159 12.71 8.97 -0.72
CA GLY A 159 11.75 8.35 -1.62
C GLY A 159 11.55 6.92 -1.15
N ALA A 160 11.47 5.97 -2.07
CA ALA A 160 11.28 4.57 -1.71
C ALA A 160 12.26 4.10 -0.63
N MET A 161 11.77 3.36 0.36
CA MET A 161 12.62 2.85 1.43
C MET A 161 12.31 1.39 1.80
N VAL A 162 11.15 0.89 1.38
CA VAL A 162 10.70 -0.46 1.71
C VAL A 162 10.70 -1.43 0.52
N VAL A 163 11.17 -2.66 0.79
CA VAL A 163 11.18 -3.75 -0.19
C VAL A 163 10.10 -4.68 0.38
N THR A 164 9.13 -5.05 -0.44
CA THR A 164 7.96 -5.84 -0.01
C THR A 164 7.95 -7.38 0.05
N GLY A 165 8.95 -8.04 0.59
CA GLY A 165 8.84 -9.48 0.61
C GLY A 165 9.51 -10.00 -0.64
N LEU A 166 10.55 -10.78 -0.42
CA LEU A 166 11.39 -11.32 -1.48
C LEU A 166 10.84 -12.46 -2.34
N GLY A 167 9.91 -13.24 -1.80
CA GLY A 167 9.37 -14.34 -2.56
C GLY A 167 8.66 -13.89 -3.83
N GLY A 168 9.34 -14.02 -4.97
CA GLY A 168 8.78 -13.60 -6.24
C GLY A 168 9.16 -12.19 -6.62
N ASN A 169 9.88 -11.52 -5.74
CA ASN A 169 10.29 -10.14 -5.96
C ASN A 169 11.58 -10.02 -6.80
N PRO A 170 11.51 -9.35 -7.96
CA PRO A 170 12.74 -9.22 -8.75
C PRO A 170 13.83 -8.48 -7.97
N MET A 171 13.43 -7.67 -7.00
CA MET A 171 14.42 -6.92 -6.22
C MET A 171 15.31 -7.86 -5.40
N ALA A 172 14.91 -9.12 -5.28
CA ALA A 172 15.68 -10.10 -4.53
C ALA A 172 16.98 -10.34 -5.28
N VAL A 173 16.84 -10.39 -6.59
CA VAL A 173 17.95 -10.60 -7.50
C VAL A 173 18.83 -9.34 -7.53
N VAL A 174 18.22 -8.18 -7.69
CA VAL A 174 18.95 -6.93 -7.75
C VAL A 174 19.67 -6.67 -6.42
N SER A 175 19.06 -7.11 -5.32
CA SER A 175 19.66 -6.94 -4.01
C SER A 175 20.98 -7.68 -3.94
N LYS A 176 20.98 -8.93 -4.42
CA LYS A 176 22.19 -9.74 -4.42
C LYS A 176 23.26 -9.15 -5.35
N GLN A 177 22.82 -8.65 -6.50
CA GLN A 177 23.74 -8.08 -7.47
C GLN A 177 24.45 -6.81 -6.98
N VAL A 178 23.77 -5.97 -6.20
CA VAL A 178 24.41 -4.75 -5.74
C VAL A 178 24.84 -4.79 -4.28
N ASN A 179 24.65 -5.93 -3.62
CA ASN A 179 25.03 -6.06 -2.22
C ASN A 179 24.27 -5.08 -1.34
N MET A 180 22.98 -4.91 -1.57
CA MET A 180 22.23 -3.98 -0.73
C MET A 180 21.80 -4.70 0.56
N GLU A 181 21.99 -4.01 1.68
CA GLU A 181 21.67 -4.55 3.00
C GLU A 181 20.19 -4.34 3.34
N LEU A 182 19.48 -5.44 3.55
CA LEU A 182 18.06 -5.36 3.89
C LEU A 182 17.82 -5.85 5.31
N ALA A 183 16.96 -5.15 6.03
CA ALA A 183 16.62 -5.53 7.39
C ALA A 183 15.10 -5.68 7.46
N LYS A 184 14.64 -6.78 8.04
CA LYS A 184 13.22 -7.01 8.17
C LYS A 184 12.66 -5.97 9.12
N ILE A 185 11.43 -5.55 8.88
CA ILE A 185 10.80 -4.58 9.75
C ILE A 185 10.15 -5.31 10.93
N LYS A 186 10.57 -4.97 12.15
CA LYS A 186 10.00 -5.58 13.34
C LYS A 186 8.55 -5.09 13.46
N GLN A 187 7.62 -6.00 13.74
CA GLN A 187 6.21 -5.64 13.83
C GLN A 187 5.77 -4.65 14.91
N LYS A 188 6.34 -4.76 16.10
CA LYS A 188 5.94 -3.88 17.20
C LYS A 188 5.97 -2.40 16.84
N CYS A 189 4.79 -1.79 16.86
CA CYS A 189 4.64 -0.38 16.55
C CYS A 189 3.84 0.30 17.65
N PRO A 190 4.53 0.74 18.72
CA PRO A 190 3.78 1.41 19.80
C PRO A 190 3.17 2.74 19.36
N LEU A 191 1.96 3.00 19.82
CA LEU A 191 1.24 4.23 19.51
C LEU A 191 1.20 5.15 20.71
N TYR A 192 1.33 6.45 20.46
CA TYR A 192 1.27 7.43 21.53
C TYR A 192 0.24 8.50 21.16
N GLU A 193 -0.63 8.82 22.10
CA GLU A 193 -1.65 9.82 21.86
C GLU A 193 -1.03 11.21 21.81
N ALA A 194 -1.86 12.20 21.50
CA ALA A 194 -1.38 13.58 21.37
C ALA A 194 -0.74 14.12 22.64
N ASN A 195 -1.11 13.61 23.80
CA ASN A 195 -0.51 14.07 25.04
C ASN A 195 0.84 13.39 25.26
N GLY A 196 1.14 12.41 24.40
CA GLY A 196 2.39 11.70 24.50
C GLY A 196 2.36 10.36 25.23
N GLN A 197 1.24 10.01 25.86
CA GLN A 197 1.19 8.74 26.57
C GLN A 197 0.87 7.56 25.68
N ALA A 198 1.52 6.45 25.96
CA ALA A 198 1.33 5.24 25.18
C ALA A 198 -0.07 4.69 25.28
N VAL A 199 -0.50 4.05 24.19
CA VAL A 199 -1.82 3.42 24.16
C VAL A 199 -1.61 2.00 24.68
N PRO A 200 -2.41 1.60 25.69
CA PRO A 200 -2.33 0.26 26.29
C PRO A 200 -2.51 -0.85 25.27
N LYS A 201 -1.77 -1.95 25.45
CA LYS A 201 -1.86 -3.10 24.55
C LYS A 201 -3.31 -3.45 24.23
N GLU A 202 -4.17 -3.44 25.25
CA GLU A 202 -5.57 -3.76 25.05
C GLU A 202 -6.27 -2.92 23.99
N LYS A 203 -6.34 -1.61 24.21
CA LYS A 203 -7.01 -0.74 23.25
C LYS A 203 -6.39 -0.78 21.87
N ASP A 204 -5.06 -0.86 21.82
CA ASP A 204 -4.36 -0.91 20.55
C ASP A 204 -4.92 -2.06 19.72
N GLU A 205 -4.96 -3.25 20.33
CA GLU A 205 -5.45 -4.45 19.65
C GLU A 205 -6.94 -4.36 19.34
N MET A 206 -7.71 -3.82 20.27
CA MET A 206 -9.15 -3.68 20.07
C MET A 206 -9.46 -2.81 18.86
N VAL A 207 -8.88 -1.61 18.82
CA VAL A 207 -9.09 -0.69 17.72
C VAL A 207 -8.56 -1.24 16.39
N GLU A 208 -7.43 -1.92 16.42
CA GLU A 208 -6.89 -2.48 15.20
C GLU A 208 -7.85 -3.56 14.70
N GLN A 209 -8.52 -4.23 15.63
CA GLN A 209 -9.46 -5.27 15.26
C GLN A 209 -10.67 -4.62 14.56
N GLU A 210 -11.14 -3.51 15.10
CA GLU A 210 -12.26 -2.79 14.49
C GLU A 210 -11.88 -2.26 13.12
N PHE A 211 -10.66 -1.73 13.00
CA PHE A 211 -10.19 -1.21 11.73
C PHE A 211 -10.29 -2.33 10.69
N ASN A 212 -9.76 -3.50 11.00
CA ASN A 212 -9.81 -4.64 10.09
C ASN A 212 -11.25 -5.05 9.74
N ARG A 213 -12.12 -5.08 10.74
CA ARG A 213 -13.53 -5.43 10.53
C ARG A 213 -14.23 -4.44 9.62
N LEU A 214 -13.94 -3.15 9.82
CA LEU A 214 -14.54 -2.10 9.00
C LEU A 214 -14.10 -2.23 7.54
N LEU A 215 -12.82 -2.56 7.33
CA LEU A 215 -12.29 -2.72 5.97
C LEU A 215 -12.93 -3.93 5.29
N GLU A 216 -12.99 -5.03 6.04
CA GLU A 216 -13.57 -6.26 5.53
C GLU A 216 -15.02 -5.95 5.13
N ALA A 217 -15.72 -5.18 5.96
CA ALA A 217 -17.10 -4.81 5.66
C ALA A 217 -17.21 -4.05 4.34
N THR A 218 -16.32 -3.07 4.10
CA THR A 218 -16.38 -2.32 2.83
C THR A 218 -16.17 -3.25 1.63
N SER A 219 -15.34 -4.28 1.81
CA SER A 219 -15.07 -5.25 0.76
C SER A 219 -16.31 -6.10 0.47
N TYR A 220 -17.05 -6.45 1.52
CA TYR A 220 -18.28 -7.24 1.38
C TYR A 220 -19.29 -6.39 0.64
N LEU A 221 -19.42 -5.16 1.09
CA LEU A 221 -20.35 -4.21 0.48
C LEU A 221 -20.05 -4.05 -1.00
N SER A 222 -18.76 -3.98 -1.32
CA SER A 222 -18.34 -3.80 -2.71
C SER A 222 -18.39 -5.06 -3.57
N HIS A 223 -17.73 -6.13 -3.12
CA HIS A 223 -17.66 -7.36 -3.90
C HIS A 223 -18.65 -8.43 -3.48
N GLN A 224 -19.93 -8.06 -3.35
CA GLN A 224 -20.97 -9.00 -2.96
C GLN A 224 -22.33 -8.34 -3.14
N LEU A 225 -22.51 -7.18 -2.54
CA LEU A 225 -23.78 -6.46 -2.65
C LEU A 225 -23.63 -5.37 -3.72
N ASP A 226 -22.54 -5.45 -4.46
CA ASP A 226 -22.22 -4.52 -5.54
C ASP A 226 -22.61 -3.07 -5.29
N PHE A 227 -22.22 -2.56 -4.13
CA PHE A 227 -22.50 -1.18 -3.73
C PHE A 227 -21.32 -0.30 -4.16
N ASN A 228 -21.18 -0.11 -5.47
CA ASN A 228 -20.06 0.67 -5.97
C ASN A 228 -20.40 2.01 -6.61
N VAL A 229 -21.68 2.25 -6.82
CA VAL A 229 -22.12 3.50 -7.42
C VAL A 229 -23.26 4.11 -6.62
N LEU A 230 -23.23 5.43 -6.48
CA LEU A 230 -24.25 6.16 -5.74
C LEU A 230 -24.39 7.54 -6.36
N ASN A 231 -25.62 7.87 -6.78
CA ASN A 231 -25.89 9.16 -7.41
C ASN A 231 -25.03 9.32 -8.66
N ASN A 232 -24.85 8.21 -9.36
CA ASN A 232 -24.06 8.15 -10.59
C ASN A 232 -22.57 8.42 -10.38
N LYS A 233 -22.18 8.66 -9.14
CA LYS A 233 -20.79 8.92 -8.80
C LYS A 233 -20.20 7.63 -8.23
N PRO A 234 -18.95 7.30 -8.60
CA PRO A 234 -18.34 6.09 -8.06
C PRO A 234 -18.14 6.27 -6.56
N VAL A 235 -18.32 5.20 -5.79
CA VAL A 235 -18.14 5.28 -4.35
C VAL A 235 -16.66 5.11 -3.99
N SER A 236 -16.17 5.94 -3.06
CA SER A 236 -14.78 5.85 -2.62
C SER A 236 -14.68 4.98 -1.39
N LEU A 237 -13.47 4.54 -1.09
CA LEU A 237 -13.23 3.71 0.08
C LEU A 237 -13.58 4.52 1.32
N GLY A 238 -13.21 5.79 1.32
CA GLY A 238 -13.50 6.64 2.45
C GLY A 238 -14.99 6.73 2.70
N GLN A 239 -15.73 6.89 1.62
CA GLN A 239 -17.18 6.99 1.65
C GLN A 239 -17.81 5.74 2.25
N ALA A 240 -17.38 4.57 1.78
CA ALA A 240 -17.92 3.31 2.27
C ALA A 240 -17.60 3.11 3.75
N LEU A 241 -16.39 3.47 4.14
CA LEU A 241 -15.95 3.34 5.53
C LEU A 241 -16.84 4.17 6.46
N GLU A 242 -17.12 5.42 6.09
CA GLU A 242 -17.94 6.28 6.94
C GLU A 242 -19.37 5.71 7.04
N VAL A 243 -19.83 5.07 5.97
CA VAL A 243 -21.16 4.47 5.97
C VAL A 243 -21.19 3.26 6.91
N VAL A 244 -20.13 2.46 6.86
CA VAL A 244 -20.05 1.30 7.74
C VAL A 244 -19.96 1.75 9.20
N ILE A 245 -19.25 2.85 9.45
CA ILE A 245 -19.12 3.37 10.80
C ILE A 245 -20.50 3.80 11.31
N GLN A 246 -21.26 4.47 10.44
CA GLN A 246 -22.61 4.94 10.77
C GLN A 246 -23.52 3.80 11.18
N LEU A 247 -23.43 2.68 10.47
CA LEU A 247 -24.25 1.52 10.78
C LEU A 247 -23.86 0.96 12.15
N GLN A 248 -22.57 0.97 12.46
CA GLN A 248 -22.12 0.48 13.75
C GLN A 248 -22.70 1.36 14.85
N GLU A 249 -22.69 2.66 14.62
CA GLU A 249 -23.24 3.59 15.60
C GLU A 249 -24.75 3.36 15.73
N LYS A 250 -25.42 3.10 14.61
CA LYS A 250 -26.85 2.86 14.64
C LYS A 250 -27.16 1.61 15.46
N HIS A 251 -26.42 0.54 15.21
CA HIS A 251 -26.61 -0.71 15.93
C HIS A 251 -26.40 -0.52 17.42
N VAL A 252 -25.38 0.25 17.79
CA VAL A 252 -25.11 0.50 19.20
C VAL A 252 -26.27 1.25 19.83
N LYS A 253 -26.76 2.28 19.14
CA LYS A 253 -27.88 3.05 19.65
C LYS A 253 -29.15 2.21 19.78
N ASP A 254 -29.34 1.26 18.88
CA ASP A 254 -30.54 0.41 18.94
C ASP A 254 -30.51 -0.54 20.13
N GLU A 255 -29.35 -1.11 20.42
CA GLU A 255 -29.25 -2.02 21.54
C GLU A 255 -29.33 -1.25 22.85
N GLN A 256 -29.02 0.04 22.78
CA GLN A 256 -29.10 0.87 23.96
C GLN A 256 -30.59 1.11 24.22
N ILE A 257 -31.31 1.49 23.15
CA ILE A 257 -32.75 1.74 23.24
C ILE A 257 -33.49 0.55 23.81
N GLU A 258 -33.23 -0.63 23.26
CA GLU A 258 -33.88 -1.85 23.71
C GLU A 258 -33.61 -2.13 25.18
N HIS A 259 -32.39 -1.81 25.62
CA HIS A 259 -32.01 -2.04 27.00
C HIS A 259 -32.76 -1.12 27.94
N TRP A 260 -32.87 0.15 27.57
CA TRP A 260 -33.57 1.12 28.40
C TRP A 260 -35.02 0.69 28.55
N LYS A 261 -35.58 0.11 27.48
CA LYS A 261 -36.96 -0.34 27.52
C LYS A 261 -37.16 -1.50 28.48
N LYS A 262 -36.15 -2.35 28.62
CA LYS A 262 -36.23 -3.47 29.54
C LYS A 262 -36.24 -2.90 30.95
N ILE A 263 -35.41 -1.88 31.15
CA ILE A 263 -35.32 -1.21 32.44
C ILE A 263 -36.67 -0.59 32.79
N VAL A 264 -37.18 0.26 31.90
CA VAL A 264 -38.46 0.93 32.10
C VAL A 264 -39.62 -0.06 32.32
N LYS A 265 -39.63 -1.17 31.59
CA LYS A 265 -40.69 -2.15 31.74
C LYS A 265 -40.63 -2.77 33.13
N THR A 266 -39.42 -3.12 33.56
CA THR A 266 -39.22 -3.71 34.87
C THR A 266 -39.58 -2.69 35.95
N GLN A 267 -39.26 -1.42 35.69
CA GLN A 267 -39.56 -0.38 36.65
C GLN A 267 -41.06 -0.13 36.80
N GLU A 268 -41.82 -0.40 35.74
CA GLU A 268 -43.27 -0.20 35.77
C GLU A 268 -43.91 -1.37 36.51
N GLU A 269 -43.44 -2.57 36.22
CA GLU A 269 -43.99 -3.77 36.87
C GLU A 269 -43.79 -3.67 38.37
N LEU A 270 -42.69 -3.05 38.78
CA LEU A 270 -42.39 -2.88 40.19
C LEU A 270 -43.34 -1.86 40.83
N LYS A 271 -43.42 -0.67 40.23
CA LYS A 271 -44.29 0.37 40.76
C LYS A 271 -45.70 -0.16 40.95
N GLU A 272 -46.22 -0.83 39.92
CA GLU A 272 -47.56 -1.41 39.97
C GLU A 272 -47.67 -2.49 41.03
N LEU A 273 -46.61 -3.26 41.20
CA LEU A 273 -46.60 -4.34 42.19
C LEU A 273 -46.59 -3.77 43.60
N LEU A 274 -45.80 -2.71 43.80
CA LEU A 274 -45.72 -2.06 45.10
C LEU A 274 -47.08 -1.47 45.49
N ASN A 275 -47.79 -0.97 44.49
CA ASN A 275 -49.10 -0.36 44.69
C ASN A 275 -50.19 -1.31 45.17
N LYS A 276 -50.18 -2.55 44.69
CA LYS A 276 -51.20 -3.50 45.11
C LYS A 276 -50.81 -4.08 46.47
N MET A 277 -49.52 -4.02 46.79
CA MET A 277 -49.05 -4.51 48.08
C MET A 277 -49.44 -3.50 49.14
N VAL A 278 -49.34 -2.22 48.80
CA VAL A 278 -49.71 -1.16 49.72
C VAL A 278 -51.19 -1.29 50.05
N ASN A 279 -51.97 -1.72 49.06
CA ASN A 279 -53.41 -1.91 49.22
C ASN A 279 -53.72 -3.18 49.98
N LEU A 280 -52.83 -4.16 49.89
CA LEU A 280 -53.03 -5.40 50.60
C LEU A 280 -52.66 -5.19 52.08
N LYS A 281 -51.80 -4.21 52.34
CA LYS A 281 -51.42 -3.88 53.71
C LYS A 281 -52.61 -3.17 54.34
N GLU A 282 -53.22 -2.29 53.57
CA GLU A 282 -54.38 -1.54 54.01
C GLU A 282 -55.54 -2.49 54.24
N LYS A 283 -55.51 -3.63 53.55
CA LYS A 283 -56.56 -4.65 53.67
C LYS A 283 -56.30 -5.52 54.90
N ILE A 284 -55.02 -5.66 55.26
CA ILE A 284 -54.62 -6.45 56.41
C ILE A 284 -54.88 -5.66 57.68
N LYS A 285 -54.68 -4.35 57.61
CA LYS A 285 -54.93 -3.48 58.74
C LYS A 285 -56.42 -3.54 59.09
N GLU A 286 -57.26 -3.62 58.06
CA GLU A 286 -58.73 -3.66 58.20
C GLU A 286 -59.10 -4.84 59.08
N LEU A 287 -58.19 -5.81 59.16
CA LEU A 287 -58.35 -7.00 60.00
C LEU A 287 -57.62 -6.98 61.33
N HIS A 288 -56.35 -6.57 61.30
CA HIS A 288 -55.63 -6.37 62.55
C HIS A 288 -56.27 -5.14 63.11
N GLN A 289 -57.57 -5.26 63.19
CA GLN A 289 -58.52 -4.23 63.68
C GLN A 289 -59.78 -4.90 63.26
N GLN A 290 -60.85 -4.69 64.06
CA GLN A 290 -62.17 -5.31 63.87
C GLN A 290 -62.14 -6.75 64.47
N TYR A 291 -61.21 -7.55 63.96
CA TYR A 291 -61.03 -8.95 64.35
C TYR A 291 -60.72 -9.08 65.83
N LYS A 292 -61.77 -9.28 66.63
CA LYS A 292 -61.60 -9.44 68.07
C LYS A 292 -62.88 -9.13 68.82
N GLU A 293 -64.00 -9.71 68.39
CA GLU A 293 -65.29 -9.48 69.04
C GLU A 293 -66.28 -10.63 68.89
N ILE A 303 -68.69 -14.27 71.45
CA ILE A 303 -68.68 -15.54 72.24
C ILE A 303 -68.75 -16.77 71.34
N THR A 304 -69.24 -16.57 70.10
CA THR A 304 -69.30 -17.64 69.13
C THR A 304 -67.87 -17.65 68.60
N ALA A 305 -67.10 -16.68 69.10
CA ALA A 305 -65.71 -16.46 68.75
C ALA A 305 -64.87 -17.73 68.59
N GLU A 306 -65.21 -18.78 69.33
CA GLU A 306 -64.45 -20.02 69.21
C GLU A 306 -64.45 -20.39 67.72
N PHE A 307 -65.38 -19.79 66.99
CA PHE A 307 -65.52 -20.01 65.55
C PHE A 307 -65.27 -18.70 64.80
N LEU A 308 -65.42 -17.57 65.48
CA LEU A 308 -65.21 -16.26 64.86
C LEU A 308 -63.73 -15.89 64.86
N VAL A 309 -63.00 -16.39 65.85
CA VAL A 309 -61.57 -16.12 65.94
C VAL A 309 -60.89 -17.04 64.94
N LYS A 310 -61.35 -18.29 64.89
CA LYS A 310 -60.81 -19.26 63.95
C LYS A 310 -60.96 -18.68 62.54
N SER A 311 -62.16 -18.20 62.24
CA SER A 311 -62.47 -17.61 60.94
C SER A 311 -61.61 -16.40 60.65
N LYS A 312 -61.58 -15.45 61.56
CA LYS A 312 -60.79 -14.25 61.37
C LYS A 312 -59.31 -14.57 61.30
N HIS A 313 -58.93 -15.74 61.81
CA HIS A 313 -57.54 -16.16 61.80
C HIS A 313 -57.15 -16.78 60.45
N ARG A 314 -57.89 -17.80 60.02
CA ARG A 314 -57.60 -18.43 58.73
C ARG A 314 -57.88 -17.47 57.58
N ASP A 315 -58.39 -16.29 57.93
CA ASP A 315 -58.68 -15.25 56.95
C ASP A 315 -57.49 -14.30 56.92
N LEU A 316 -57.09 -13.85 58.10
CA LEU A 316 -55.97 -12.92 58.24
C LEU A 316 -54.64 -13.57 57.84
N THR A 317 -54.58 -14.90 57.88
CA THR A 317 -53.37 -15.59 57.49
C THR A 317 -53.34 -15.76 55.98
N ALA A 318 -54.51 -16.05 55.40
CA ALA A 318 -54.62 -16.22 53.97
C ALA A 318 -54.18 -14.95 53.25
N LEU A 319 -54.30 -13.82 53.94
CA LEU A 319 -53.90 -12.54 53.37
C LEU A 319 -52.40 -12.30 53.56
N CYS A 320 -51.72 -13.31 54.06
CA CYS A 320 -50.28 -13.23 54.25
C CYS A 320 -49.67 -14.27 53.30
N LYS A 321 -50.48 -15.26 52.95
CA LYS A 321 -50.10 -16.30 52.00
C LYS A 321 -50.18 -15.59 50.65
N GLU A 322 -50.73 -14.37 50.68
CA GLU A 322 -50.88 -13.52 49.51
C GLU A 322 -49.79 -12.47 49.52
N TYR A 323 -49.68 -11.74 50.63
CA TYR A 323 -48.71 -10.67 50.75
C TYR A 323 -47.24 -11.07 50.59
N ASP A 324 -46.63 -11.66 51.62
CA ASP A 324 -45.23 -12.03 51.51
C ASP A 324 -44.97 -12.90 50.28
N GLU A 325 -46.04 -13.33 49.62
CA GLU A 325 -45.92 -14.12 48.40
C GLU A 325 -45.59 -13.16 47.27
N LEU A 326 -46.07 -11.92 47.41
CA LEU A 326 -45.83 -10.87 46.44
C LEU A 326 -44.42 -10.33 46.65
N ALA A 327 -43.99 -10.29 47.92
CA ALA A 327 -42.67 -9.81 48.25
C ALA A 327 -41.65 -10.76 47.63
N GLU A 328 -42.11 -11.95 47.30
CA GLU A 328 -41.26 -12.97 46.68
C GLU A 328 -41.18 -12.64 45.19
N THR A 329 -42.35 -12.51 44.55
CA THR A 329 -42.39 -12.17 43.14
C THR A 329 -41.94 -10.72 42.97
N GLN A 330 -41.56 -10.10 44.08
CA GLN A 330 -41.07 -8.73 44.06
C GLN A 330 -39.54 -8.80 44.05
N GLY A 331 -39.00 -9.76 44.80
CA GLY A 331 -37.57 -9.93 44.87
C GLY A 331 -37.02 -10.45 43.56
N LYS A 332 -37.89 -11.07 42.75
CA LYS A 332 -37.51 -11.61 41.46
C LYS A 332 -37.50 -10.51 40.39
N LEU A 333 -37.86 -9.30 40.80
CA LEU A 333 -37.88 -8.14 39.91
C LEU A 333 -36.72 -7.23 40.29
N GLU A 334 -36.58 -6.95 41.58
CA GLU A 334 -35.51 -6.11 42.08
C GLU A 334 -34.16 -6.74 41.72
N GLU A 335 -34.20 -8.04 41.49
CA GLU A 335 -33.02 -8.81 41.14
C GLU A 335 -32.78 -8.64 39.64
N LYS A 336 -33.86 -8.79 38.86
CA LYS A 336 -33.79 -8.65 37.41
C LYS A 336 -33.41 -7.20 37.08
N LEU A 337 -33.97 -6.26 37.82
CA LEU A 337 -33.70 -4.84 37.63
C LEU A 337 -32.22 -4.54 37.84
N GLN A 338 -31.76 -4.70 39.07
CA GLN A 338 -30.38 -4.41 39.43
C GLN A 338 -29.37 -5.13 38.53
N GLU A 339 -29.79 -6.24 37.95
CA GLU A 339 -28.93 -7.01 37.06
C GLU A 339 -28.78 -6.29 35.71
N LEU A 340 -29.85 -5.64 35.28
CA LEU A 340 -29.86 -4.90 34.02
C LEU A 340 -29.12 -3.57 34.13
N GLU A 341 -29.45 -2.78 35.15
CA GLU A 341 -28.83 -1.49 35.39
C GLU A 341 -27.36 -1.63 35.79
N ALA A 342 -26.84 -2.86 35.73
CA ALA A 342 -25.46 -3.15 36.08
C ALA A 342 -24.70 -3.72 34.89
N ASN A 343 -25.43 -4.19 33.89
CA ASN A 343 -24.85 -4.77 32.68
C ASN A 343 -25.37 -4.06 31.44
N PRO A 344 -25.15 -2.74 31.35
CA PRO A 344 -25.60 -1.94 30.20
C PRO A 344 -24.80 -2.23 28.93
N PRO A 345 -25.45 -2.14 27.75
CA PRO A 345 -24.71 -2.40 26.51
C PRO A 345 -23.80 -1.19 26.27
N SER A 346 -22.93 -1.28 25.27
CA SER A 346 -22.02 -0.20 24.96
C SER A 346 -22.76 1.13 24.82
N ASP A 347 -22.19 2.17 25.41
CA ASP A 347 -22.76 3.51 25.38
C ASP A 347 -22.52 4.17 24.01
N VAL A 348 -21.37 3.89 23.42
CA VAL A 348 -21.01 4.43 22.12
C VAL A 348 -20.20 3.40 21.36
N TYR A 349 -20.13 3.56 20.04
CA TYR A 349 -19.36 2.63 19.21
C TYR A 349 -17.89 2.89 19.47
N LEU A 350 -17.50 4.15 19.32
CA LEU A 350 -16.11 4.53 19.55
C LEU A 350 -16.06 5.79 20.38
N SER A 351 -15.31 5.74 21.48
CA SER A 351 -15.16 6.90 22.32
C SER A 351 -14.38 7.93 21.51
N SER A 352 -14.34 9.17 21.97
CA SER A 352 -13.62 10.20 21.26
C SER A 352 -12.16 9.79 21.07
N ARG A 353 -11.57 9.19 22.10
CA ARG A 353 -10.19 8.76 22.03
C ARG A 353 -10.03 7.55 21.12
N ASP A 354 -10.99 6.63 21.13
CA ASP A 354 -10.94 5.45 20.27
C ASP A 354 -10.96 5.84 18.80
N ARG A 355 -11.77 6.84 18.46
CA ARG A 355 -11.90 7.30 17.09
C ARG A 355 -10.57 7.89 16.60
N GLN A 356 -9.84 8.57 17.48
CA GLN A 356 -8.57 9.15 17.10
C GLN A 356 -7.58 8.04 16.76
N ILE A 357 -7.58 7.01 17.58
CA ILE A 357 -6.69 5.88 17.33
C ILE A 357 -7.12 5.22 16.02
N LEU A 358 -8.43 5.10 15.79
CA LEU A 358 -8.91 4.49 14.55
C LEU A 358 -8.44 5.33 13.35
N ASP A 359 -8.42 6.66 13.52
CA ASP A 359 -7.97 7.53 12.46
C ASP A 359 -6.48 7.30 12.18
N TRP A 360 -5.71 6.90 13.20
CA TRP A 360 -4.30 6.63 12.98
C TRP A 360 -4.20 5.47 12.00
N HIS A 361 -5.03 4.44 12.18
CA HIS A 361 -5.02 3.30 11.27
C HIS A 361 -5.44 3.73 9.86
N PHE A 362 -6.37 4.68 9.74
CA PHE A 362 -6.78 5.15 8.43
C PHE A 362 -5.64 5.95 7.78
N ALA A 363 -4.90 6.69 8.60
CA ALA A 363 -3.77 7.49 8.13
C ALA A 363 -2.71 6.55 7.59
N ASN A 364 -2.52 5.43 8.28
CA ASN A 364 -1.54 4.44 7.86
C ASN A 364 -1.94 3.94 6.46
N LEU A 365 -3.23 3.73 6.26
CA LEU A 365 -3.73 3.27 4.97
C LEU A 365 -3.57 4.38 3.93
N GLU A 366 -3.66 5.63 4.37
CA GLU A 366 -3.49 6.75 3.45
C GLU A 366 -2.01 6.85 3.04
N PHE A 367 -1.14 6.41 3.95
CA PHE A 367 0.29 6.42 3.66
C PHE A 367 0.58 5.35 2.59
N ALA A 368 0.04 4.13 2.80
CA ALA A 368 0.26 3.03 1.86
C ALA A 368 -0.25 3.30 0.45
N ASN A 369 -1.34 4.05 0.30
CA ASN A 369 -1.86 4.35 -1.02
C ASN A 369 -1.46 5.75 -1.48
N ALA A 370 -0.80 6.47 -0.58
CA ALA A 370 -0.34 7.83 -0.83
C ALA A 370 -1.47 8.78 -1.21
N THR A 371 -2.63 8.63 -0.59
CA THR A 371 -3.72 9.52 -0.93
C THR A 371 -4.86 9.42 0.09
N PRO A 372 -5.66 10.49 0.24
CA PRO A 372 -6.76 10.43 1.21
C PRO A 372 -7.72 9.34 0.79
N LEU A 373 -8.26 8.61 1.77
CA LEU A 373 -9.17 7.51 1.52
C LEU A 373 -10.40 7.90 0.70
N SER A 374 -10.79 9.17 0.76
CA SER A 374 -11.95 9.64 0.02
C SER A 374 -11.71 9.66 -1.50
N THR A 375 -10.47 9.49 -1.94
CA THR A 375 -10.19 9.50 -3.38
C THR A 375 -10.00 8.10 -3.94
N LEU A 376 -9.83 7.11 -3.07
CA LEU A 376 -9.62 5.75 -3.53
C LEU A 376 -10.89 5.04 -4.05
N SER A 377 -10.73 4.23 -5.10
CA SER A 377 -11.84 3.46 -5.64
C SER A 377 -12.25 2.39 -4.63
N LEU A 378 -13.51 2.39 -4.21
CA LEU A 378 -13.94 1.37 -3.27
C LEU A 378 -13.76 -0.01 -3.89
N LYS A 379 -14.10 -0.13 -5.16
CA LYS A 379 -14.00 -1.41 -5.85
C LYS A 379 -12.61 -1.87 -6.26
N HIS A 380 -11.76 -0.93 -6.69
CA HIS A 380 -10.43 -1.32 -7.18
C HIS A 380 -9.17 -0.86 -6.46
N TRP A 381 -9.30 -0.18 -5.31
CA TRP A 381 -8.09 0.31 -4.64
C TRP A 381 -7.06 -0.78 -4.36
N ASP A 382 -7.53 -1.97 -4.03
CA ASP A 382 -6.62 -3.10 -3.73
C ASP A 382 -6.65 -4.10 -4.88
N GLN A 383 -6.92 -3.57 -6.06
CA GLN A 383 -6.99 -4.31 -7.32
C GLN A 383 -5.84 -5.28 -7.58
N ASP A 384 -4.65 -4.96 -7.06
CA ASP A 384 -3.46 -5.78 -7.29
C ASP A 384 -3.07 -6.72 -6.13
N ASP A 385 -3.87 -6.71 -5.07
CA ASP A 385 -3.58 -7.52 -3.89
C ASP A 385 -3.22 -8.96 -4.21
N ASP A 386 -3.86 -9.52 -5.24
CA ASP A 386 -3.60 -10.90 -5.59
C ASP A 386 -2.18 -11.15 -6.05
N PHE A 387 -1.38 -10.10 -6.23
CA PHE A 387 -0.01 -10.26 -6.70
C PHE A 387 1.08 -10.03 -5.66
N GLU A 388 0.69 -9.77 -4.41
CA GLU A 388 1.67 -9.55 -3.35
C GLU A 388 2.72 -10.66 -3.34
N PHE A 389 3.92 -10.32 -2.90
CA PHE A 389 5.00 -11.28 -2.80
C PHE A 389 4.90 -11.86 -1.39
N THR A 390 5.53 -13.00 -1.16
CA THR A 390 5.50 -13.61 0.16
C THR A 390 6.75 -13.25 0.95
N GLY A 391 6.61 -13.12 2.26
CA GLY A 391 7.74 -12.79 3.11
C GLY A 391 7.55 -11.47 3.83
N SER A 392 8.42 -11.21 4.80
CA SER A 392 8.36 -9.97 5.56
C SER A 392 8.84 -8.80 4.70
N HIS A 393 8.27 -7.63 4.94
CA HIS A 393 8.70 -6.44 4.23
C HIS A 393 10.01 -6.02 4.87
N LEU A 394 10.94 -5.54 4.06
CA LEU A 394 12.23 -5.12 4.58
C LEU A 394 12.52 -3.67 4.28
N THR A 395 13.57 -3.20 4.93
CA THR A 395 13.99 -1.83 4.79
C THR A 395 15.44 -1.80 4.27
N VAL A 396 15.83 -0.74 3.57
CA VAL A 396 17.18 -0.66 3.01
C VAL A 396 18.10 0.11 3.95
N ARG A 397 18.81 -0.64 4.78
CA ARG A 397 19.74 -0.10 5.76
C ARG A 397 20.77 0.86 5.16
N ASN A 398 21.28 0.52 3.99
CA ASN A 398 22.31 1.37 3.38
C ASN A 398 21.85 2.36 2.31
N GLY A 399 20.55 2.63 2.25
CA GLY A 399 20.04 3.57 1.28
C GLY A 399 19.65 2.94 -0.04
N TYR A 400 18.38 3.07 -0.39
CA TYR A 400 17.87 2.49 -1.62
C TYR A 400 18.54 3.00 -2.89
N SER A 401 19.22 4.15 -2.83
CA SER A 401 19.86 4.67 -4.04
C SER A 401 20.96 3.76 -4.58
N CYS A 402 21.44 2.83 -3.76
CA CYS A 402 22.48 1.92 -4.21
C CYS A 402 22.02 1.15 -5.47
N VAL A 403 20.71 0.98 -5.63
CA VAL A 403 20.16 0.28 -6.79
C VAL A 403 20.27 1.09 -8.09
N PRO A 404 19.65 2.28 -8.15
CA PRO A 404 19.78 3.02 -9.40
C PRO A 404 21.23 3.43 -9.73
N VAL A 405 22.03 3.71 -8.71
CA VAL A 405 23.43 4.07 -8.92
C VAL A 405 24.17 2.90 -9.59
N ALA A 406 23.98 1.69 -9.07
CA ALA A 406 24.65 0.55 -9.67
C ALA A 406 24.09 0.24 -11.06
N LEU A 407 22.79 0.44 -11.24
CA LEU A 407 22.16 0.17 -12.53
C LEU A 407 22.62 1.16 -13.62
N ALA A 408 23.12 2.33 -13.22
CA ALA A 408 23.56 3.33 -14.18
C ALA A 408 24.98 3.10 -14.73
N GLU A 409 25.70 2.16 -14.14
CA GLU A 409 27.05 1.82 -14.56
C GLU A 409 27.16 1.51 -16.05
N GLY A 410 27.98 2.29 -16.75
CA GLY A 410 28.18 2.06 -18.17
C GLY A 410 27.13 2.60 -19.10
N LEU A 411 26.09 3.23 -18.56
CA LEU A 411 25.04 3.76 -19.43
C LEU A 411 25.35 5.19 -19.86
N ASP A 412 24.80 5.58 -21.00
CA ASP A 412 25.00 6.92 -21.49
C ASP A 412 23.88 7.81 -20.97
N ILE A 413 24.10 8.37 -19.79
CA ILE A 413 23.13 9.22 -19.13
C ILE A 413 23.45 10.71 -19.17
N LYS A 414 22.51 11.50 -19.65
CA LYS A 414 22.70 12.93 -19.71
C LYS A 414 21.87 13.64 -18.64
N LEU A 415 22.54 14.02 -17.56
CA LEU A 415 21.87 14.68 -16.46
C LEU A 415 21.56 16.13 -16.80
N ASN A 416 20.85 16.80 -15.90
CA ASN A 416 20.48 18.20 -16.09
C ASN A 416 19.94 18.45 -17.49
N THR A 417 19.24 17.46 -18.03
CA THR A 417 18.66 17.56 -19.37
C THR A 417 17.16 17.29 -19.29
N ALA A 418 16.38 18.34 -19.34
CA ALA A 418 14.93 18.24 -19.25
C ALA A 418 14.28 18.23 -20.62
N VAL A 419 13.55 17.16 -20.91
CA VAL A 419 12.84 17.03 -22.18
C VAL A 419 11.60 17.92 -22.16
N ARG A 420 11.39 18.68 -23.23
CA ARG A 420 10.24 19.55 -23.33
C ARG A 420 9.32 19.15 -24.48
N GLN A 421 9.88 18.46 -25.47
CA GLN A 421 9.06 18.04 -26.60
C GLN A 421 9.44 16.66 -27.13
N VAL A 422 8.42 15.94 -27.59
CA VAL A 422 8.60 14.61 -28.13
C VAL A 422 7.82 14.51 -29.44
N ARG A 423 8.56 14.40 -30.53
CA ARG A 423 7.98 14.30 -31.87
C ARG A 423 8.15 12.87 -32.35
N TYR A 424 7.09 12.31 -32.91
CA TYR A 424 7.15 10.95 -33.42
C TYR A 424 6.38 10.86 -34.73
N THR A 425 7.06 10.36 -35.76
CA THR A 425 6.44 10.22 -37.06
C THR A 425 6.54 8.78 -37.54
N ALA A 426 5.87 8.50 -38.65
CA ALA A 426 5.86 7.18 -39.24
C ALA A 426 7.26 6.75 -39.71
N SER A 427 8.24 7.65 -39.57
CA SER A 427 9.59 7.32 -40.01
C SER A 427 10.71 7.84 -39.11
N GLY A 428 10.49 7.86 -37.80
CA GLY A 428 11.52 8.32 -36.89
C GLY A 428 11.00 9.19 -35.75
N CYS A 429 11.87 9.51 -34.81
CA CYS A 429 11.50 10.34 -33.66
C CYS A 429 12.53 11.39 -33.35
N GLU A 430 12.06 12.47 -32.73
CA GLU A 430 12.91 13.58 -32.32
C GLU A 430 12.51 14.00 -30.92
N VAL A 431 13.50 14.11 -30.03
CA VAL A 431 13.24 14.51 -28.67
C VAL A 431 13.99 15.81 -28.40
N ILE A 432 13.26 16.86 -28.06
CA ILE A 432 13.87 18.16 -27.79
C ILE A 432 13.97 18.35 -26.28
N ALA A 433 15.16 18.72 -25.82
CA ALA A 433 15.37 18.94 -24.40
C ALA A 433 16.17 20.21 -24.21
N VAL A 434 16.17 20.72 -22.97
CA VAL A 434 16.91 21.93 -22.68
C VAL A 434 17.79 21.67 -21.46
N ASN A 435 18.90 22.41 -21.39
CA ASN A 435 19.82 22.30 -20.29
C ASN A 435 19.11 22.98 -19.13
N THR A 436 19.02 22.33 -17.97
CA THR A 436 18.35 22.94 -16.83
C THR A 436 19.28 23.91 -16.11
N ARG A 437 20.53 23.96 -16.56
CA ARG A 437 21.51 24.86 -15.97
C ARG A 437 21.63 26.13 -16.81
N SER A 438 21.12 26.06 -18.04
CA SER A 438 21.12 27.18 -18.98
C SER A 438 20.01 26.92 -20.00
N THR A 439 18.77 27.18 -19.60
CA THR A 439 17.60 26.96 -20.44
C THR A 439 17.70 27.62 -21.81
N SER A 440 18.81 28.29 -22.05
CA SER A 440 19.06 28.96 -23.31
C SER A 440 19.35 27.90 -24.37
N GLN A 441 20.32 27.03 -24.09
CA GLN A 441 20.70 25.97 -25.02
C GLN A 441 19.75 24.78 -25.00
N THR A 442 19.38 24.34 -26.20
CA THR A 442 18.50 23.18 -26.34
C THR A 442 19.30 22.06 -26.97
N PHE A 443 18.68 20.89 -27.08
CA PHE A 443 19.31 19.72 -27.67
C PHE A 443 18.25 19.05 -28.51
N ILE A 444 18.66 18.41 -29.60
CA ILE A 444 17.73 17.71 -30.46
C ILE A 444 18.27 16.32 -30.70
N TYR A 445 17.63 15.33 -30.09
CA TYR A 445 18.07 13.96 -30.24
C TYR A 445 17.16 13.19 -31.18
N LYS A 446 17.75 12.65 -32.24
CA LYS A 446 16.99 11.85 -33.20
C LYS A 446 17.13 10.39 -32.80
N CYS A 447 16.10 9.60 -33.09
CA CYS A 447 16.10 8.19 -32.71
C CYS A 447 14.99 7.46 -33.43
N ASP A 448 15.00 6.13 -33.32
CA ASP A 448 14.00 5.30 -33.96
C ASP A 448 12.81 5.08 -33.02
N ALA A 449 13.05 5.18 -31.71
CA ALA A 449 11.99 4.98 -30.74
C ALA A 449 12.23 5.72 -29.45
N VAL A 450 11.14 6.13 -28.81
CA VAL A 450 11.23 6.84 -27.55
C VAL A 450 10.52 6.06 -26.45
N LEU A 451 11.20 5.89 -25.33
CA LEU A 451 10.61 5.22 -24.16
C LEU A 451 10.40 6.29 -23.12
N CYS A 452 9.15 6.62 -22.86
CA CYS A 452 8.82 7.64 -21.87
C CYS A 452 8.58 7.02 -20.49
N THR A 453 9.40 7.39 -19.50
CA THR A 453 9.19 6.86 -18.15
C THR A 453 8.79 8.04 -17.26
N LEU A 454 8.19 9.05 -17.88
CA LEU A 454 7.71 10.23 -17.19
C LEU A 454 6.72 9.83 -16.08
N PRO A 455 6.88 10.40 -14.87
CA PRO A 455 5.93 10.01 -13.82
C PRO A 455 4.53 10.45 -14.24
N LEU A 456 3.51 9.75 -13.75
CA LEU A 456 2.13 10.09 -14.08
C LEU A 456 1.82 11.55 -13.71
N GLY A 457 2.45 12.04 -12.64
CA GLY A 457 2.21 13.42 -12.22
C GLY A 457 2.70 14.42 -13.25
N VAL A 458 3.77 14.10 -13.95
CA VAL A 458 4.29 15.00 -14.97
C VAL A 458 3.37 14.94 -16.18
N LEU A 459 2.87 13.74 -16.50
CA LEU A 459 1.98 13.56 -17.65
C LEU A 459 0.62 14.24 -17.43
N LYS A 460 0.25 14.47 -16.18
CA LYS A 460 -1.03 15.10 -15.85
C LYS A 460 -0.90 16.61 -15.79
N GLN A 461 0.34 17.08 -15.67
CA GLN A 461 0.61 18.50 -15.54
C GLN A 461 -0.10 19.37 -16.55
N GLN A 462 -0.68 20.46 -16.06
CA GLN A 462 -1.41 21.42 -16.88
C GLN A 462 -1.02 22.84 -16.46
N PRO A 463 -0.43 23.63 -17.38
CA PRO A 463 -0.09 23.26 -18.76
C PRO A 463 0.98 22.18 -18.79
N PRO A 464 1.00 21.35 -19.85
CA PRO A 464 1.96 20.26 -20.00
C PRO A 464 3.43 20.64 -19.89
N ALA A 465 4.19 19.79 -19.21
CA ALA A 465 5.62 20.00 -19.02
C ALA A 465 6.33 19.62 -20.31
N VAL A 466 5.89 18.52 -20.93
CA VAL A 466 6.49 18.11 -22.18
C VAL A 466 5.37 17.96 -23.19
N GLN A 467 5.62 18.44 -24.40
CA GLN A 467 4.63 18.39 -25.46
C GLN A 467 4.86 17.21 -26.38
N PHE A 468 3.76 16.56 -26.77
CA PHE A 468 3.82 15.43 -27.68
C PHE A 468 3.29 15.88 -29.04
N VAL A 469 4.05 15.61 -30.10
CA VAL A 469 3.65 15.98 -31.45
C VAL A 469 3.75 14.75 -32.35
N PRO A 470 2.62 14.22 -32.81
CA PRO A 470 1.24 14.67 -32.57
C PRO A 470 0.86 14.56 -31.09
N PRO A 471 -0.26 15.17 -30.69
CA PRO A 471 -0.65 15.07 -29.29
C PRO A 471 -1.06 13.62 -29.00
N LEU A 472 -0.92 13.18 -27.76
CA LEU A 472 -1.29 11.81 -27.42
C LEU A 472 -2.77 11.59 -27.71
N PRO A 473 -3.16 10.35 -28.07
CA PRO A 473 -4.55 9.99 -28.38
C PRO A 473 -5.47 10.30 -27.19
N GLU A 474 -6.77 10.35 -27.45
CA GLU A 474 -7.76 10.64 -26.42
C GLU A 474 -7.87 9.48 -25.43
N TRP A 475 -7.71 8.25 -25.93
CA TRP A 475 -7.80 7.11 -25.04
C TRP A 475 -6.64 7.09 -24.06
N LYS A 476 -5.55 7.77 -24.40
CA LYS A 476 -4.38 7.82 -23.53
C LYS A 476 -4.48 8.97 -22.52
N THR A 477 -4.85 10.15 -23.00
CA THR A 477 -4.97 11.31 -22.13
C THR A 477 -6.14 11.14 -21.15
N SER A 478 -7.16 10.41 -21.57
CA SER A 478 -8.34 10.18 -20.71
C SER A 478 -7.91 9.28 -19.56
N ALA A 479 -7.09 8.29 -19.86
CA ALA A 479 -6.60 7.37 -18.84
C ALA A 479 -5.72 8.14 -17.84
N VAL A 480 -4.84 8.99 -18.37
CA VAL A 480 -3.95 9.79 -17.54
C VAL A 480 -4.73 10.70 -16.60
N GLN A 481 -5.88 11.19 -17.06
CA GLN A 481 -6.71 12.08 -16.26
C GLN A 481 -7.50 11.34 -15.20
N ARG A 482 -7.95 10.11 -15.50
CA ARG A 482 -8.72 9.32 -14.55
C ARG A 482 -7.86 8.79 -13.39
N MET A 483 -6.71 8.23 -13.73
CA MET A 483 -5.80 7.66 -12.74
C MET A 483 -5.38 8.64 -11.67
N GLY A 484 -5.22 8.14 -10.46
CA GLY A 484 -4.79 9.01 -9.39
C GLY A 484 -3.29 9.05 -9.22
N PHE A 485 -2.79 10.19 -8.75
CA PHE A 485 -1.37 10.32 -8.47
C PHE A 485 -1.30 10.96 -7.09
N GLY A 486 -0.83 10.18 -6.13
CA GLY A 486 -0.76 10.66 -4.75
C GLY A 486 0.43 11.47 -4.31
N ASN A 487 0.55 11.60 -3.00
CA ASN A 487 1.63 12.35 -2.40
C ASN A 487 1.88 11.78 -1.02
N LEU A 488 3.13 11.88 -0.59
CA LEU A 488 3.58 11.39 0.69
C LEU A 488 4.94 12.04 0.91
N ASN A 489 5.20 12.54 2.10
CA ASN A 489 6.48 13.18 2.37
C ASN A 489 7.12 12.69 3.64
N LYS A 490 8.42 12.93 3.76
CA LYS A 490 9.14 12.51 4.93
C LYS A 490 9.97 13.63 5.49
N VAL A 491 10.25 13.55 6.78
CA VAL A 491 11.11 14.53 7.41
C VAL A 491 12.22 13.70 8.03
N VAL A 492 13.44 13.98 7.60
CA VAL A 492 14.61 13.28 8.11
C VAL A 492 15.23 14.06 9.25
N LEU A 493 15.27 13.46 10.44
CA LEU A 493 15.86 14.10 11.61
C LEU A 493 17.14 13.37 11.96
N CYS A 494 18.27 14.06 11.78
CA CYS A 494 19.58 13.49 12.10
C CYS A 494 20.07 14.04 13.43
N PHE A 495 20.26 13.14 14.40
CA PHE A 495 20.72 13.53 15.73
C PHE A 495 22.13 12.98 15.96
N ASP A 496 22.73 13.33 17.09
CA ASP A 496 24.06 12.82 17.42
C ASP A 496 23.95 11.79 18.53
N ARG A 497 22.73 11.60 19.02
CA ARG A 497 22.46 10.64 20.09
C ARG A 497 21.12 9.94 19.84
N VAL A 498 21.00 8.70 20.31
CA VAL A 498 19.76 7.93 20.16
C VAL A 498 18.98 7.98 21.46
N PHE A 499 17.84 8.67 21.45
CA PHE A 499 17.01 8.80 22.63
C PHE A 499 15.75 7.95 22.56
N TRP A 500 15.57 7.23 21.46
CA TRP A 500 14.40 6.37 21.28
C TRP A 500 14.78 4.92 21.53
N ASP A 501 13.79 4.05 21.55
CA ASP A 501 14.02 2.63 21.78
C ASP A 501 14.66 2.02 20.53
N PRO A 502 15.94 1.65 20.61
CA PRO A 502 16.68 1.05 19.49
C PRO A 502 16.14 -0.28 18.98
N SER A 503 15.31 -0.94 19.79
CA SER A 503 14.77 -2.24 19.39
C SER A 503 13.46 -2.09 18.62
N VAL A 504 12.95 -0.88 18.57
CA VAL A 504 11.69 -0.62 17.87
C VAL A 504 11.95 0.06 16.52
N ASN A 505 11.46 -0.55 15.44
CA ASN A 505 11.64 -0.01 14.10
C ASN A 505 10.70 1.15 13.79
N LEU A 506 9.51 1.14 14.38
CA LEU A 506 8.55 2.21 14.14
C LEU A 506 7.62 2.45 15.30
N PHE A 507 7.15 3.68 15.40
CA PHE A 507 6.21 4.04 16.44
C PHE A 507 5.33 5.14 15.90
N GLY A 508 4.07 5.15 16.33
CA GLY A 508 3.13 6.12 15.83
C GLY A 508 2.72 7.24 16.76
N HIS A 509 2.29 8.32 16.12
CA HIS A 509 1.82 9.50 16.81
C HIS A 509 0.36 9.66 16.41
N VAL A 510 -0.54 9.54 17.39
CA VAL A 510 -1.97 9.67 17.12
C VAL A 510 -2.40 11.13 17.10
N GLY A 511 -2.91 11.57 15.96
CA GLY A 511 -3.36 12.94 15.83
C GLY A 511 -4.65 13.25 16.58
N SER A 512 -4.90 14.54 16.76
CA SER A 512 -6.08 15.05 17.46
C SER A 512 -7.37 15.05 16.65
N THR A 513 -7.27 15.32 15.35
CA THR A 513 -8.45 15.38 14.49
C THR A 513 -8.37 14.50 13.25
N THR A 514 -9.53 14.14 12.72
CA THR A 514 -9.63 13.30 11.54
C THR A 514 -8.92 13.95 10.34
N ALA A 515 -9.14 15.25 10.15
CA ALA A 515 -8.55 15.97 9.03
C ALA A 515 -7.01 15.94 8.96
N SER A 516 -6.35 16.06 10.10
CA SER A 516 -4.89 16.05 10.13
C SER A 516 -4.28 14.73 10.62
N ARG A 517 -5.04 13.65 10.53
CA ARG A 517 -4.54 12.35 10.99
C ARG A 517 -3.23 11.91 10.33
N GLY A 518 -2.91 12.46 9.17
CA GLY A 518 -1.70 12.04 8.47
C GLY A 518 -0.46 12.85 8.76
N GLU A 519 -0.57 13.86 9.64
CA GLU A 519 0.58 14.69 9.96
C GLU A 519 1.55 14.03 10.94
N LEU A 520 2.76 13.79 10.49
CA LEU A 520 3.80 13.17 11.32
C LEU A 520 3.21 12.05 12.17
N PHE A 521 2.42 11.18 11.55
CA PHE A 521 1.77 10.10 12.30
C PHE A 521 2.63 8.87 12.53
N LEU A 522 3.73 8.73 11.78
CA LEU A 522 4.58 7.57 11.92
C LEU A 522 6.07 7.93 11.83
N PHE A 523 6.87 7.37 12.74
CA PHE A 523 8.30 7.60 12.79
C PHE A 523 9.02 6.29 12.54
N TRP A 524 10.10 6.34 11.79
CA TRP A 524 10.86 5.13 11.48
C TRP A 524 12.28 5.22 12.00
N ASN A 525 12.75 4.13 12.60
CA ASN A 525 14.10 3.99 13.13
C ASN A 525 14.73 2.91 12.25
N LEU A 526 15.53 3.32 11.27
CA LEU A 526 16.09 2.35 10.34
C LEU A 526 17.59 2.39 10.05
N TYR A 527 18.30 3.39 10.52
CA TYR A 527 19.70 3.45 10.14
C TYR A 527 20.77 3.29 11.20
N LYS A 528 22.02 3.22 10.74
CA LYS A 528 23.20 3.07 11.58
C LYS A 528 23.33 4.28 12.50
N ALA A 529 23.29 5.48 11.90
CA ALA A 529 23.41 6.72 12.64
C ALA A 529 22.08 7.09 13.30
N PRO A 530 22.10 7.98 14.30
CA PRO A 530 20.88 8.40 15.00
C PRO A 530 19.95 9.20 14.09
N ILE A 531 19.16 8.50 13.28
CA ILE A 531 18.25 9.15 12.37
C ILE A 531 16.81 8.66 12.50
N LEU A 532 15.88 9.60 12.50
CA LEU A 532 14.47 9.27 12.56
C LEU A 532 13.80 9.84 11.33
N LEU A 533 12.90 9.06 10.74
CA LEU A 533 12.12 9.51 9.59
C LEU A 533 10.68 9.64 10.04
N ALA A 534 10.08 10.80 9.78
CA ALA A 534 8.69 11.04 10.14
C ALA A 534 7.89 11.15 8.85
N LEU A 535 6.73 10.49 8.81
CA LEU A 535 5.87 10.53 7.62
C LEU A 535 4.76 11.58 7.68
N VAL A 536 4.37 12.07 6.52
CA VAL A 536 3.27 13.03 6.41
C VAL A 536 2.39 12.43 5.32
N ALA A 537 1.23 11.90 5.73
CA ALA A 537 0.32 11.25 4.80
C ALA A 537 -1.05 11.89 4.60
N GLY A 538 -1.80 11.32 3.66
CA GLY A 538 -3.14 11.78 3.35
C GLY A 538 -3.25 13.24 2.97
N GLU A 539 -4.26 13.90 3.55
CA GLU A 539 -4.50 15.31 3.31
C GLU A 539 -3.35 16.17 3.81
N ALA A 540 -2.71 15.73 4.88
CA ALA A 540 -1.60 16.49 5.44
C ALA A 540 -0.41 16.62 4.48
N ALA A 541 -0.14 15.59 3.70
CA ALA A 541 1.00 15.57 2.77
C ALA A 541 1.14 16.80 1.86
N GLY A 542 0.07 17.16 1.16
CA GLY A 542 0.14 18.30 0.27
C GLY A 542 0.22 19.63 1.00
N ILE A 543 -0.59 19.77 2.06
CA ILE A 543 -0.63 20.98 2.85
C ILE A 543 0.69 21.30 3.54
N MET A 544 1.29 20.32 4.19
CA MET A 544 2.55 20.52 4.91
C MET A 544 3.69 21.00 4.01
N GLU A 545 3.58 20.76 2.70
CA GLU A 545 4.65 21.21 1.81
C GLU A 545 4.75 22.72 1.86
N ASN A 546 3.68 23.38 2.29
CA ASN A 546 3.65 24.84 2.37
C ASN A 546 4.30 25.37 3.66
N ILE A 547 4.76 24.47 4.52
CA ILE A 547 5.40 24.86 5.77
C ILE A 547 6.92 24.73 5.59
N SER A 548 7.67 25.70 6.11
CA SER A 548 9.12 25.68 6.01
C SER A 548 9.69 24.53 6.82
N ASP A 549 10.93 24.16 6.50
CA ASP A 549 11.61 23.06 7.19
C ASP A 549 11.66 23.29 8.68
N ASP A 550 12.10 24.48 9.07
CA ASP A 550 12.22 24.82 10.49
C ASP A 550 10.96 24.60 11.26
N VAL A 551 9.83 25.08 10.74
CA VAL A 551 8.56 24.92 11.44
C VAL A 551 8.11 23.48 11.47
N ILE A 552 8.29 22.75 10.37
CA ILE A 552 7.86 21.36 10.36
C ILE A 552 8.76 20.54 11.28
N VAL A 553 10.03 20.91 11.38
CA VAL A 553 10.95 20.20 12.25
C VAL A 553 10.55 20.48 13.70
N GLY A 554 10.21 21.73 13.98
CA GLY A 554 9.80 22.10 15.32
C GLY A 554 8.60 21.30 15.81
N ARG A 555 7.64 21.06 14.92
CA ARG A 555 6.45 20.28 15.26
C ARG A 555 6.82 18.81 15.50
N CYS A 556 7.90 18.35 14.87
CA CYS A 556 8.37 16.98 15.04
C CYS A 556 8.96 16.80 16.43
N LEU A 557 9.82 17.76 16.79
CA LEU A 557 10.49 17.75 18.08
C LEU A 557 9.45 17.83 19.20
N ALA A 558 8.39 18.61 18.97
CA ALA A 558 7.33 18.74 19.95
C ALA A 558 6.66 17.39 20.16
N ILE A 559 6.43 16.66 19.06
CA ILE A 559 5.82 15.33 19.14
C ILE A 559 6.75 14.43 19.93
N LEU A 560 8.01 14.42 19.52
CA LEU A 560 9.04 13.61 20.15
C LEU A 560 9.23 13.94 21.63
N LYS A 561 9.25 15.22 21.96
CA LYS A 561 9.41 15.62 23.36
C LYS A 561 8.24 15.19 24.20
N GLY A 562 7.06 15.11 23.60
CA GLY A 562 5.89 14.69 24.34
C GLY A 562 5.98 13.20 24.65
N ILE A 563 6.69 12.46 23.81
CA ILE A 563 6.83 11.02 23.98
C ILE A 563 7.98 10.63 24.90
N PHE A 564 9.14 11.21 24.65
CA PHE A 564 10.34 10.89 25.41
C PHE A 564 10.70 11.94 26.46
N GLY A 565 9.92 13.02 26.51
CA GLY A 565 10.18 14.08 27.46
C GLY A 565 11.19 15.06 26.91
N SER A 566 10.97 16.34 27.15
CA SER A 566 11.91 17.35 26.67
C SER A 566 13.20 17.09 27.47
N SER A 567 14.30 17.67 27.01
CA SER A 567 15.61 17.48 27.65
C SER A 567 16.15 16.13 27.19
N ALA A 568 15.25 15.26 26.74
CA ALA A 568 15.64 13.95 26.23
C ALA A 568 15.86 14.07 24.73
N VAL A 569 15.22 15.08 24.14
CA VAL A 569 15.30 15.30 22.70
C VAL A 569 16.16 16.52 22.35
N PRO A 570 17.39 16.28 21.88
CA PRO A 570 18.27 17.39 21.52
C PRO A 570 17.89 17.99 20.16
N GLN A 571 18.48 19.14 19.84
CA GLN A 571 18.20 19.76 18.55
C GLN A 571 18.91 18.92 17.50
N PRO A 572 18.29 18.76 16.32
CA PRO A 572 18.87 17.97 15.23
C PRO A 572 20.10 18.62 14.61
N LYS A 573 21.09 17.81 14.27
CA LYS A 573 22.30 18.34 13.65
C LYS A 573 22.03 18.53 12.16
N GLU A 574 21.19 17.67 11.61
CA GLU A 574 20.83 17.71 10.19
C GLU A 574 19.37 17.33 9.93
N THR A 575 18.70 18.08 9.05
CA THR A 575 17.31 17.77 8.70
C THR A 575 17.09 17.87 7.19
N VAL A 576 16.22 17.00 6.68
CA VAL A 576 15.89 16.98 5.27
C VAL A 576 14.38 16.78 5.21
N VAL A 577 13.71 17.53 4.34
CA VAL A 577 12.26 17.45 4.20
C VAL A 577 11.90 17.31 2.73
N SER A 578 11.13 16.30 2.38
CA SER A 578 10.75 16.15 0.98
C SER A 578 9.46 16.88 0.71
N ARG A 579 9.30 17.27 -0.55
CA ARG A 579 8.11 17.97 -1.05
C ARG A 579 7.89 17.41 -2.45
N TRP A 580 7.49 16.15 -2.52
CA TRP A 580 7.31 15.50 -3.81
C TRP A 580 6.28 16.13 -4.74
N ARG A 581 5.19 16.66 -4.18
CA ARG A 581 4.16 17.28 -5.02
C ARG A 581 4.74 18.52 -5.72
N ALA A 582 5.50 19.34 -5.00
CA ALA A 582 6.08 20.54 -5.60
C ALA A 582 7.29 20.24 -6.51
N ASP A 583 7.85 19.03 -6.38
CA ASP A 583 9.00 18.61 -7.18
C ASP A 583 8.51 18.54 -8.62
N PRO A 584 9.00 19.43 -9.49
CA PRO A 584 8.56 19.44 -10.89
C PRO A 584 8.89 18.19 -11.67
N TRP A 585 9.87 17.42 -11.22
CA TRP A 585 10.25 16.19 -11.91
C TRP A 585 9.43 14.97 -11.43
N ALA A 586 8.53 15.18 -10.47
CA ALA A 586 7.70 14.08 -9.94
C ALA A 586 6.21 14.47 -9.84
N ARG A 587 5.92 15.59 -9.16
CA ARG A 587 4.55 16.08 -8.99
C ARG A 587 3.68 15.15 -8.12
N GLY A 588 4.35 14.38 -7.27
CA GLY A 588 3.65 13.46 -6.42
C GLY A 588 4.56 12.29 -6.12
N SER A 589 4.09 11.33 -5.34
CA SER A 589 4.90 10.18 -4.95
C SER A 589 4.67 8.95 -5.81
N TYR A 590 3.41 8.56 -5.93
CA TYR A 590 3.05 7.40 -6.76
C TYR A 590 1.57 7.31 -7.02
N SER A 591 1.23 6.56 -8.06
CA SER A 591 -0.14 6.39 -8.48
C SER A 591 -1.00 5.57 -7.52
N TYR A 592 -2.31 5.72 -7.68
CA TYR A 592 -3.30 5.00 -6.90
C TYR A 592 -4.53 4.85 -7.80
N VAL A 593 -5.37 3.86 -7.50
CA VAL A 593 -6.58 3.65 -8.30
C VAL A 593 -7.66 4.57 -7.76
N ALA A 594 -7.90 5.67 -8.47
CA ALA A 594 -8.90 6.64 -8.07
C ALA A 594 -10.34 6.18 -8.34
N ALA A 595 -11.27 6.71 -7.55
CA ALA A 595 -12.68 6.40 -7.73
C ALA A 595 -13.05 6.80 -9.16
N GLY A 596 -13.47 5.83 -9.96
CA GLY A 596 -13.84 6.13 -11.34
C GLY A 596 -12.80 5.60 -12.31
N SER A 597 -11.71 5.08 -11.75
CA SER A 597 -10.63 4.52 -12.54
C SER A 597 -10.66 3.03 -12.22
N SER A 598 -9.73 2.25 -12.76
CA SER A 598 -9.68 0.81 -12.51
C SER A 598 -8.32 0.32 -12.98
N GLY A 599 -8.03 -0.95 -12.74
CA GLY A 599 -6.76 -1.50 -13.16
C GLY A 599 -6.52 -1.41 -14.67
N ASN A 600 -7.60 -1.26 -15.42
CA ASN A 600 -7.48 -1.17 -16.87
C ASN A 600 -6.73 0.06 -17.34
N ASP A 601 -6.81 1.14 -16.58
CA ASP A 601 -6.10 2.33 -16.97
C ASP A 601 -4.60 2.12 -16.96
N TYR A 602 -4.13 1.19 -16.12
CA TYR A 602 -2.72 0.88 -16.05
C TYR A 602 -2.32 0.20 -17.36
N ASP A 603 -3.19 -0.65 -17.88
CA ASP A 603 -2.92 -1.33 -19.14
C ASP A 603 -2.92 -0.30 -20.28
N LEU A 604 -3.85 0.65 -20.23
CA LEU A 604 -3.91 1.68 -21.26
C LEU A 604 -2.65 2.54 -21.22
N MET A 605 -2.10 2.76 -20.03
CA MET A 605 -0.87 3.55 -19.87
C MET A 605 0.34 2.84 -20.46
N ALA A 606 0.28 1.52 -20.53
CA ALA A 606 1.37 0.73 -21.06
C ALA A 606 1.38 0.65 -22.59
N GLN A 607 0.21 0.84 -23.19
CA GLN A 607 0.06 0.79 -24.65
C GLN A 607 0.93 1.77 -25.43
N PRO A 608 1.67 1.25 -26.42
CA PRO A 608 2.53 2.12 -27.23
C PRO A 608 1.69 2.97 -28.17
N ILE A 609 2.22 4.12 -28.55
CA ILE A 609 1.53 5.00 -29.48
C ILE A 609 2.16 4.73 -30.81
N THR A 610 1.34 4.45 -31.80
CA THR A 610 1.94 4.19 -33.07
C THR A 610 1.19 4.92 -34.13
N PRO A 611 1.89 5.76 -34.90
CA PRO A 611 0.99 6.36 -35.88
C PRO A 611 0.38 5.28 -36.80
N PRO A 621 2.81 4.07 -38.52
CA PRO A 621 2.52 2.86 -39.33
C PRO A 621 3.10 1.68 -38.56
N ILE A 622 3.75 2.02 -37.45
CA ILE A 622 4.45 1.04 -36.62
C ILE A 622 4.86 1.69 -35.28
N PRO A 623 4.70 0.96 -34.15
CA PRO A 623 5.04 1.43 -32.79
C PRO A 623 6.26 2.31 -32.67
N ARG A 624 6.07 3.53 -32.16
CA ARG A 624 7.16 4.49 -32.03
C ARG A 624 7.38 5.03 -30.60
N LEU A 625 6.30 5.32 -29.91
CA LEU A 625 6.36 5.87 -28.56
C LEU A 625 5.95 4.79 -27.54
N PHE A 626 6.86 4.47 -26.62
CA PHE A 626 6.60 3.44 -25.62
C PHE A 626 6.56 4.02 -24.21
N PHE A 627 5.89 3.32 -23.29
CA PHE A 627 5.78 3.80 -21.92
C PHE A 627 6.15 2.81 -20.82
N ALA A 628 6.87 3.30 -19.82
CA ALA A 628 7.26 2.50 -18.67
C ALA A 628 7.09 3.40 -17.45
N GLY A 629 7.16 2.81 -16.26
CA GLY A 629 6.99 3.58 -15.04
C GLY A 629 6.05 2.86 -14.11
N GLU A 630 6.05 3.24 -12.83
CA GLU A 630 5.19 2.56 -11.87
C GLU A 630 3.71 2.63 -12.26
N HIS A 631 3.34 3.62 -13.05
CA HIS A 631 1.94 3.80 -13.47
C HIS A 631 1.52 3.02 -14.71
N THR A 632 2.38 2.18 -15.25
CA THR A 632 2.02 1.43 -16.46
C THR A 632 1.99 -0.07 -16.24
N ILE A 633 2.09 -0.48 -14.97
CA ILE A 633 2.11 -1.89 -14.66
C ILE A 633 1.01 -2.23 -13.63
N ARG A 634 -0.07 -2.77 -14.18
CA ARG A 634 -1.28 -3.17 -13.47
C ARG A 634 -1.19 -4.07 -12.24
N ASN A 635 -0.35 -5.10 -12.29
CA ASN A 635 -0.24 -6.03 -11.15
C ASN A 635 0.80 -5.62 -10.11
N TYR A 636 1.59 -4.60 -10.42
CA TYR A 636 2.64 -4.14 -9.49
C TYR A 636 2.76 -2.63 -9.51
N PRO A 637 1.63 -1.91 -9.44
CA PRO A 637 1.76 -0.45 -9.47
C PRO A 637 2.34 0.21 -8.24
N ALA A 638 2.79 1.46 -8.40
CA ALA A 638 3.32 2.25 -7.29
C ALA A 638 4.42 1.58 -6.45
N THR A 639 5.32 0.88 -7.12
CA THR A 639 6.40 0.18 -6.45
C THR A 639 7.71 0.28 -7.22
N VAL A 640 8.81 0.03 -6.53
CA VAL A 640 10.10 0.07 -7.19
C VAL A 640 10.20 -1.16 -8.08
N HIS A 641 9.71 -2.30 -7.59
CA HIS A 641 9.78 -3.51 -8.38
C HIS A 641 8.85 -3.42 -9.58
N GLY A 642 7.74 -2.71 -9.41
CA GLY A 642 6.81 -2.56 -10.51
C GLY A 642 7.48 -1.73 -11.59
N ALA A 643 8.21 -0.70 -11.16
CA ALA A 643 8.91 0.17 -12.09
C ALA A 643 9.96 -0.65 -12.84
N LEU A 644 10.73 -1.44 -12.09
CA LEU A 644 11.76 -2.29 -12.64
C LEU A 644 11.17 -3.22 -13.71
N LEU A 645 10.13 -3.93 -13.34
CA LEU A 645 9.49 -4.85 -14.26
C LEU A 645 8.92 -4.15 -15.50
N SER A 646 8.36 -2.96 -15.34
CA SER A 646 7.80 -2.26 -16.50
C SER A 646 8.93 -1.92 -17.47
N GLY A 647 10.11 -1.64 -16.93
CA GLY A 647 11.24 -1.33 -17.77
C GLY A 647 11.70 -2.57 -18.54
N LEU A 648 11.77 -3.71 -17.86
CA LEU A 648 12.17 -4.95 -18.50
C LEU A 648 11.15 -5.30 -19.58
N ARG A 649 9.88 -5.09 -19.27
CA ARG A 649 8.79 -5.36 -20.20
C ARG A 649 8.94 -4.56 -21.49
N GLU A 650 9.09 -3.25 -21.37
CA GLU A 650 9.21 -2.39 -22.54
C GLU A 650 10.47 -2.64 -23.38
N ALA A 651 11.56 -3.00 -22.73
CA ALA A 651 12.79 -3.28 -23.46
C ALA A 651 12.51 -4.47 -24.37
N GLY A 652 11.73 -5.41 -23.85
CA GLY A 652 11.40 -6.59 -24.63
C GLY A 652 10.51 -6.27 -25.82
N ARG A 653 9.48 -5.47 -25.60
CA ARG A 653 8.55 -5.08 -26.65
C ARG A 653 9.26 -4.29 -27.74
N ILE A 654 10.21 -3.44 -27.35
CA ILE A 654 10.96 -2.62 -28.29
C ILE A 654 11.95 -3.46 -29.10
N ALA A 655 12.68 -4.34 -28.42
CA ALA A 655 13.63 -5.20 -29.10
C ALA A 655 12.88 -6.05 -30.12
N ASP A 656 11.70 -6.55 -29.74
CA ASP A 656 10.91 -7.37 -30.65
C ASP A 656 10.56 -6.59 -31.91
N GLN A 657 10.26 -5.30 -31.77
CA GLN A 657 9.89 -4.48 -32.90
C GLN A 657 11.06 -4.06 -33.78
N PHE A 658 12.17 -3.70 -33.16
CA PHE A 658 13.34 -3.23 -33.90
C PHE A 658 14.45 -4.23 -34.18
N LEU A 659 14.50 -5.32 -33.43
CA LEU A 659 15.52 -6.33 -33.66
C LEU A 659 14.88 -7.64 -34.10
N GLY A 660 13.58 -7.76 -33.88
CA GLY A 660 12.85 -8.96 -34.26
C GLY A 660 12.98 -10.06 -33.21
#